data_3MJD
#
_entry.id   3MJD
#
_cell.length_a   82.553
_cell.length_b   97.903
_cell.length_c   110.724
_cell.angle_alpha   90.00
_cell.angle_beta   90.00
_cell.angle_gamma   90.00
#
_symmetry.space_group_name_H-M   'P 21 21 21'
#
loop_
_entity.id
_entity.type
_entity.pdbx_description
1 polymer 'Orotate phosphoribosyltransferase'
2 non-polymer 1,2-ETHANEDIOL
3 non-polymer 2-AMINO-2-HYDROXYMETHYL-PROPANE-1,3-DIOL
4 water water
#
_entity_poly.entity_id   1
_entity_poly.type   'polypeptide(L)'
_entity_poly.pdbx_seq_one_letter_code
;MHHHHHHSSGVDLGTENLYFQSNAMFIEFALKNQVLKFGEFTLKSGRISPYFFNAGLFNTGAQLATLADYYAQLIIKSDV
KYDILFGPAYKGIPLVAAISTVLALKYNIDMPYAFDRKEAKDHGEGGVFVGADMTNKKVLLIDDVMTAGTAFYESYNKLK
IINAKIAGVVLSIDRQEKAKDSDISATKKISQDFNIPVLAVTNFESIFEYVKENLDETMIDKFKQYRQKYGS
;
_entity_poly.pdbx_strand_id   A,B,C,D
#
loop_
_chem_comp.id
_chem_comp.type
_chem_comp.name
_chem_comp.formula
EDO non-polymer 1,2-ETHANEDIOL 'C2 H6 O2'
TRS non-polymer 2-AMINO-2-HYDROXYMETHYL-PROPANE-1,3-DIOL 'C4 H12 N O3 1'
#
# COMPACT_ATOMS: atom_id res chain seq x y z
N ASN A 17 31.13 3.22 9.25
CA ASN A 17 30.08 3.40 10.28
C ASN A 17 29.57 4.85 10.25
N LEU A 18 28.26 5.03 10.13
CA LEU A 18 27.68 6.36 10.01
C LEU A 18 27.52 7.09 11.33
N TYR A 19 27.51 8.42 11.25
CA TYR A 19 27.30 9.28 12.39
C TYR A 19 25.81 9.63 12.51
N PHE A 20 25.46 10.27 13.61
CA PHE A 20 24.09 10.70 13.91
C PHE A 20 23.09 9.57 13.81
N GLN A 21 23.47 8.40 14.32
CA GLN A 21 22.56 7.28 14.34
C GLN A 21 21.90 7.23 15.71
N SER A 22 20.69 6.67 15.76
CA SER A 22 19.93 6.55 17.01
C SER A 22 18.64 5.76 16.79
N ASN A 23 18.06 5.30 17.91
CA ASN A 23 16.78 4.61 17.90
C ASN A 23 15.68 5.55 18.41
N ALA A 24 16.04 6.81 18.59
CA ALA A 24 15.11 7.81 19.07
C ALA A 24 13.86 7.85 18.19
N MET A 25 12.72 8.06 18.82
CA MET A 25 11.49 8.17 18.11
C MET A 25 11.40 9.59 17.54
N PHE A 26 10.64 9.73 16.48
CA PHE A 26 10.53 11.01 15.80
C PHE A 26 10.07 12.18 16.70
N ILE A 27 9.08 11.94 17.55
CA ILE A 27 8.56 13.05 18.39
C ILE A 27 9.64 13.67 19.30
N GLU A 28 10.46 12.81 19.89
N GLU A 28 10.46 12.83 19.91
CA GLU A 28 11.56 13.26 20.74
CA GLU A 28 11.52 13.36 20.77
C GLU A 28 12.55 14.09 19.93
C GLU A 28 12.57 14.10 19.94
N PHE A 29 12.82 13.63 18.72
CA PHE A 29 13.76 14.32 17.81
C PHE A 29 13.20 15.68 17.40
N ALA A 30 11.89 15.73 17.15
CA ALA A 30 11.25 16.98 16.77
C ALA A 30 11.22 17.94 17.94
N LEU A 31 10.93 17.45 19.13
CA LEU A 31 10.89 18.33 20.32
C LEU A 31 12.25 18.96 20.60
N LYS A 32 13.29 18.14 20.54
CA LYS A 32 14.65 18.54 20.82
C LYS A 32 15.13 19.63 19.87
N ASN A 33 14.69 19.56 18.62
CA ASN A 33 15.08 20.48 17.57
C ASN A 33 14.08 21.63 17.30
N GLN A 34 13.14 21.83 18.21
N GLN A 34 13.15 21.81 18.21
CA GLN A 34 12.16 22.93 18.15
CA GLN A 34 12.16 22.89 18.18
C GLN A 34 11.19 22.85 16.99
C GLN A 34 11.23 22.86 16.96
N VAL A 35 11.08 21.70 16.35
CA VAL A 35 10.17 21.53 15.21
C VAL A 35 8.73 21.33 15.73
N LEU A 36 8.61 20.65 16.89
CA LEU A 36 7.34 20.43 17.57
C LEU A 36 7.37 21.16 18.91
N LYS A 37 6.31 21.92 19.18
CA LYS A 37 6.18 22.64 20.46
C LYS A 37 4.73 22.55 20.89
N PHE A 38 4.51 22.55 22.21
CA PHE A 38 3.17 22.54 22.75
C PHE A 38 2.88 23.89 23.42
N GLY A 39 1.68 24.41 23.24
CA GLY A 39 1.28 25.67 23.84
C GLY A 39 0.00 26.23 23.22
N GLU A 40 0.06 27.46 22.76
CA GLU A 40 -1.11 28.12 22.15
C GLU A 40 -0.59 28.79 20.89
N PHE A 41 -1.08 28.36 19.73
CA PHE A 41 -0.59 28.87 18.46
C PHE A 41 -1.73 29.20 17.53
N THR A 42 -1.93 30.50 17.29
CA THR A 42 -2.96 30.92 16.34
C THR A 42 -2.43 30.76 14.90
N LEU A 43 -3.04 29.84 14.16
CA LEU A 43 -2.69 29.60 12.77
C LEU A 43 -3.11 30.79 11.92
N LYS A 44 -2.57 30.87 10.70
CA LYS A 44 -2.92 31.97 9.78
C LYS A 44 -4.42 32.09 9.57
N SER A 45 -5.11 30.95 9.58
CA SER A 45 -6.55 30.88 9.37
C SER A 45 -7.38 31.35 10.56
N GLY A 46 -6.76 31.51 11.71
CA GLY A 46 -7.47 31.87 12.90
C GLY A 46 -7.70 30.71 13.85
N ARG A 47 -7.54 29.47 13.35
CA ARG A 47 -7.69 28.31 14.23
C ARG A 47 -6.61 28.38 15.32
N ILE A 48 -6.98 28.12 16.56
CA ILE A 48 -6.04 28.20 17.67
C ILE A 48 -5.64 26.76 18.01
N SER A 49 -4.40 26.43 17.67
CA SER A 49 -3.85 25.09 17.81
C SER A 49 -3.05 24.92 19.10
N PRO A 50 -3.20 23.77 19.77
CA PRO A 50 -2.43 23.50 20.98
C PRO A 50 -1.00 23.02 20.69
N TYR A 51 -0.64 22.90 19.41
CA TYR A 51 0.73 22.51 19.06
C TYR A 51 1.21 23.26 17.83
N PHE A 52 2.54 23.36 17.72
CA PHE A 52 3.23 23.98 16.59
C PHE A 52 4.06 22.88 15.94
N PHE A 53 4.03 22.81 14.62
CA PHE A 53 4.84 21.83 13.87
C PHE A 53 5.35 22.43 12.57
N ASN A 54 6.69 22.44 12.41
CA ASN A 54 7.32 22.96 11.18
C ASN A 54 8.63 22.26 10.91
N ALA A 55 8.59 21.29 10.01
CA ALA A 55 9.78 20.47 9.66
C ALA A 55 10.85 21.29 8.95
N GLY A 56 10.48 22.51 8.55
CA GLY A 56 11.43 23.45 7.96
C GLY A 56 12.56 23.79 8.94
N LEU A 57 12.30 23.65 10.25
CA LEU A 57 13.31 23.98 11.26
C LEU A 57 14.44 22.94 11.39
N PHE A 58 14.31 21.82 10.69
CA PHE A 58 15.39 20.84 10.62
C PHE A 58 16.30 21.41 9.54
N ASN A 59 17.04 22.46 9.88
CA ASN A 59 17.80 23.23 8.89
C ASN A 59 19.32 23.12 8.85
N THR A 60 19.84 22.01 9.36
CA THR A 60 21.25 21.67 9.28
C THR A 60 21.29 20.25 8.70
N GLY A 61 22.45 19.86 8.19
CA GLY A 61 22.61 18.55 7.58
C GLY A 61 22.27 17.36 8.43
N ALA A 62 22.66 17.36 9.71
CA ALA A 62 22.37 16.22 10.56
C ALA A 62 20.84 16.09 10.78
N GLN A 63 20.17 17.22 10.86
CA GLN A 63 18.69 17.24 11.05
C GLN A 63 17.97 16.76 9.78
N LEU A 64 18.39 17.27 8.64
CA LEU A 64 17.82 16.89 7.36
C LEU A 64 18.07 15.41 7.10
N ALA A 65 19.29 14.94 7.42
CA ALA A 65 19.63 13.54 7.23
C ALA A 65 18.74 12.65 8.07
N THR A 66 18.50 13.04 9.32
CA THR A 66 17.68 12.26 10.20
C THR A 66 16.20 12.30 9.77
N LEU A 67 15.68 13.46 9.38
CA LEU A 67 14.31 13.56 8.83
C LEU A 67 14.17 12.65 7.62
N ALA A 68 15.14 12.74 6.71
CA ALA A 68 15.13 11.92 5.51
C ALA A 68 15.13 10.42 5.85
N ASP A 69 15.84 10.04 6.91
CA ASP A 69 15.88 8.62 7.35
C ASP A 69 14.46 8.17 7.82
N TYR A 70 13.73 9.05 8.51
CA TYR A 70 12.36 8.72 8.94
C TYR A 70 11.46 8.51 7.72
N TYR A 71 11.59 9.36 6.70
CA TYR A 71 10.84 9.17 5.47
C TYR A 71 11.28 7.85 4.81
N ALA A 72 12.60 7.65 4.72
CA ALA A 72 13.16 6.45 4.10
C ALA A 72 12.57 5.17 4.69
N GLN A 73 12.41 5.12 6.01
CA GLN A 73 11.87 3.95 6.69
C GLN A 73 10.40 3.69 6.33
N LEU A 74 9.61 4.77 6.22
CA LEU A 74 8.22 4.64 5.80
C LEU A 74 8.13 4.06 4.43
N ILE A 75 9.01 4.56 3.55
CA ILE A 75 9.06 4.14 2.17
C ILE A 75 9.50 2.68 2.07
N ILE A 76 10.57 2.32 2.78
CA ILE A 76 11.05 0.93 2.74
C ILE A 76 10.00 -0.07 3.21
N LYS A 77 9.25 0.26 4.26
CA LYS A 77 8.22 -0.63 4.83
C LYS A 77 6.86 -0.69 4.10
N SER A 78 6.63 0.17 3.11
N SER A 78 6.62 0.15 3.10
CA SER A 78 5.34 0.19 2.39
CA SER A 78 5.33 0.16 2.40
C SER A 78 5.33 -0.76 1.20
C SER A 78 5.31 -0.83 1.22
N ASP A 79 4.15 -1.30 0.90
N ASP A 79 4.11 -1.33 0.92
CA ASP A 79 3.97 -2.20 -0.24
CA ASP A 79 3.93 -2.22 -0.22
C ASP A 79 3.36 -1.46 -1.43
C ASP A 79 3.36 -1.47 -1.42
N VAL A 80 3.51 -0.14 -1.43
CA VAL A 80 3.02 0.66 -2.54
C VAL A 80 3.96 0.32 -3.69
N LYS A 81 3.41 0.10 -4.87
CA LYS A 81 4.20 -0.21 -6.04
C LYS A 81 4.54 1.08 -6.80
N TYR A 82 5.82 1.40 -6.88
CA TYR A 82 6.27 2.62 -7.57
C TYR A 82 7.65 2.37 -8.15
N ASP A 83 8.07 3.22 -9.07
CA ASP A 83 9.37 3.11 -9.73
C ASP A 83 10.38 4.20 -9.35
N ILE A 84 9.87 5.42 -9.15
CA ILE A 84 10.69 6.61 -8.95
C ILE A 84 10.15 7.49 -7.82
N LEU A 85 11.05 8.18 -7.12
CA LEU A 85 10.65 9.13 -6.11
C LEU A 85 10.55 10.50 -6.81
N PHE A 86 9.38 11.14 -6.70
CA PHE A 86 9.17 12.43 -7.31
C PHE A 86 9.06 13.52 -6.26
N GLY A 87 9.92 14.53 -6.38
CA GLY A 87 9.92 15.66 -5.46
C GLY A 87 9.47 16.92 -6.15
N PRO A 88 8.23 17.36 -5.91
CA PRO A 88 7.81 18.59 -6.55
C PRO A 88 8.48 19.82 -5.93
N ALA A 89 8.71 20.84 -6.75
CA ALA A 89 9.28 22.08 -6.25
C ALA A 89 8.22 22.78 -5.39
N TYR A 90 8.62 23.42 -4.29
CA TYR A 90 10.02 23.52 -3.87
C TYR A 90 10.44 22.58 -2.75
N LYS A 91 9.56 22.28 -1.81
CA LYS A 91 9.94 21.48 -0.63
C LYS A 91 10.24 19.99 -0.89
N GLY A 92 9.66 19.45 -1.95
CA GLY A 92 9.85 18.04 -2.32
C GLY A 92 11.26 17.79 -2.85
N ILE A 93 11.87 18.82 -3.43
CA ILE A 93 13.20 18.63 -4.05
C ILE A 93 14.29 18.24 -3.03
N PRO A 94 14.54 19.08 -2.01
CA PRO A 94 15.59 18.70 -1.03
C PRO A 94 15.26 17.42 -0.30
N LEU A 95 13.97 17.16 -0.05
CA LEU A 95 13.56 15.93 0.64
C LEU A 95 13.89 14.68 -0.17
N VAL A 96 13.59 14.70 -1.46
CA VAL A 96 13.87 13.55 -2.32
C VAL A 96 15.38 13.37 -2.50
N ALA A 97 16.10 14.48 -2.65
CA ALA A 97 17.56 14.43 -2.76
C ALA A 97 18.16 13.80 -1.49
N ALA A 98 17.71 14.24 -0.31
CA ALA A 98 18.21 13.71 0.97
C ALA A 98 17.81 12.27 1.18
N ILE A 99 16.55 11.95 0.86
CA ILE A 99 16.05 10.59 1.01
C ILE A 99 16.80 9.61 0.12
N SER A 100 17.02 10.02 -1.12
CA SER A 100 17.70 9.18 -2.08
C SER A 100 19.14 8.94 -1.61
N THR A 101 19.74 9.98 -1.04
CA THR A 101 21.11 9.90 -0.48
C THR A 101 21.16 8.92 0.69
N VAL A 102 20.24 9.06 1.63
CA VAL A 102 20.17 8.15 2.79
C VAL A 102 19.93 6.69 2.36
N LEU A 103 19.07 6.47 1.39
CA LEU A 103 18.77 5.12 0.93
C LEU A 103 20.05 4.44 0.40
N ALA A 104 20.84 5.21 -0.34
CA ALA A 104 22.10 4.72 -0.91
C ALA A 104 23.16 4.52 0.17
N LEU A 105 23.38 5.57 0.96
CA LEU A 105 24.42 5.58 1.99
C LEU A 105 24.17 4.59 3.14
N LYS A 106 22.95 4.55 3.65
CA LYS A 106 22.65 3.68 4.80
C LYS A 106 22.01 2.34 4.49
N TYR A 107 21.12 2.28 3.51
CA TYR A 107 20.38 1.06 3.24
C TYR A 107 20.81 0.30 2.00
N ASN A 108 21.81 0.81 1.29
CA ASN A 108 22.33 0.17 0.08
C ASN A 108 21.25 0.00 -0.99
N ILE A 109 20.34 0.98 -1.08
CA ILE A 109 19.26 1.00 -2.08
C ILE A 109 19.53 2.15 -3.07
N ASP A 110 19.50 1.85 -4.37
CA ASP A 110 19.82 2.82 -5.43
C ASP A 110 18.50 3.25 -6.09
N MET A 111 17.97 4.36 -5.60
CA MET A 111 16.64 4.81 -5.97
C MET A 111 16.62 5.90 -7.02
N PRO A 112 15.89 5.68 -8.12
CA PRO A 112 15.74 6.71 -9.12
C PRO A 112 14.88 7.83 -8.55
N TYR A 113 15.19 9.07 -8.93
CA TYR A 113 14.44 10.23 -8.45
C TYR A 113 14.24 11.21 -9.58
N ALA A 114 13.27 12.11 -9.40
CA ALA A 114 12.97 13.14 -10.38
C ALA A 114 12.38 14.35 -9.69
N PHE A 115 12.55 15.52 -10.29
CA PHE A 115 12.03 16.78 -9.78
C PHE A 115 11.31 17.56 -10.87
N ASP A 116 10.52 18.55 -10.48
CA ASP A 116 9.93 19.45 -11.48
C ASP A 116 10.36 20.88 -11.16
N ARG A 117 9.77 21.84 -11.87
CA ARG A 117 10.00 23.26 -11.66
C ARG A 117 8.66 23.86 -11.30
N LYS A 118 8.65 24.92 -10.51
CA LYS A 118 7.38 25.52 -10.08
C LYS A 118 6.68 26.22 -11.23
N GLU A 119 7.35 27.22 -11.80
CA GLU A 119 6.84 28.00 -12.93
C GLU A 119 5.55 27.45 -13.53
N GLY A 127 12.83 20.05 -20.97
CA GLY A 127 11.51 19.58 -20.52
C GLY A 127 11.02 20.31 -19.28
N VAL A 128 9.98 19.77 -18.65
CA VAL A 128 9.45 20.39 -17.42
C VAL A 128 9.96 19.61 -16.19
N PHE A 129 10.61 18.47 -16.44
CA PHE A 129 11.11 17.60 -15.37
C PHE A 129 12.62 17.34 -15.51
N VAL A 130 13.25 16.97 -14.39
CA VAL A 130 14.66 16.60 -14.40
C VAL A 130 14.84 15.31 -13.62
N GLY A 131 16.00 14.69 -13.77
CA GLY A 131 16.27 13.42 -13.13
C GLY A 131 15.84 12.25 -14.00
N ALA A 132 15.33 11.20 -13.36
CA ALA A 132 14.92 10.00 -14.07
C ALA A 132 13.64 10.21 -14.88
N ASP A 133 13.63 9.66 -16.10
CA ASP A 133 12.47 9.77 -17.00
C ASP A 133 11.27 9.09 -16.35
N MET A 134 10.20 9.85 -16.12
CA MET A 134 8.99 9.31 -15.49
C MET A 134 7.92 8.89 -16.50
N THR A 135 8.18 9.06 -17.80
CA THR A 135 7.20 8.65 -18.83
C THR A 135 6.77 7.20 -18.65
N ASN A 136 5.46 6.96 -18.59
N ASN A 136 5.47 6.97 -18.56
CA ASN A 136 4.90 5.62 -18.45
CA ASN A 136 4.87 5.63 -18.36
C ASN A 136 5.40 4.90 -17.19
C ASN A 136 5.18 5.01 -16.99
N LYS A 137 5.54 5.65 -16.09
N LYS A 137 5.80 5.76 -16.08
CA LYS A 137 6.02 5.07 -14.84
CA LYS A 137 6.19 5.20 -14.77
C LYS A 137 5.12 5.43 -13.65
C LYS A 137 5.21 5.52 -13.62
N LYS A 138 5.40 4.80 -12.52
CA LYS A 138 4.66 5.03 -11.29
C LYS A 138 5.59 5.73 -10.31
N VAL A 139 5.11 6.79 -9.67
CA VAL A 139 5.94 7.53 -8.75
C VAL A 139 5.31 7.67 -7.38
N LEU A 140 6.17 7.88 -6.39
CA LEU A 140 5.78 8.15 -5.04
C LEU A 140 6.11 9.64 -4.87
N LEU A 141 5.09 10.45 -4.61
CA LEU A 141 5.23 11.89 -4.45
C LEU A 141 5.61 12.22 -3.01
N ILE A 142 6.73 12.90 -2.85
CA ILE A 142 7.27 13.24 -1.54
C ILE A 142 7.16 14.74 -1.31
N ASP A 143 6.68 15.12 -0.14
CA ASP A 143 6.57 16.55 0.17
C ASP A 143 6.58 16.74 1.68
N ASP A 144 6.52 17.98 2.11
CA ASP A 144 6.51 18.32 3.50
C ASP A 144 5.10 18.18 4.09
N VAL A 145 4.20 19.04 3.66
CA VAL A 145 2.85 19.04 4.21
C VAL A 145 1.86 19.10 3.07
N MET A 146 0.62 18.75 3.35
CA MET A 146 -0.43 18.88 2.33
C MET A 146 -1.65 19.45 3.05
N THR A 147 -1.79 20.76 2.98
CA THR A 147 -2.86 21.50 3.68
C THR A 147 -4.09 21.70 2.81
N ALA A 148 -3.86 21.72 1.50
CA ALA A 148 -4.91 21.89 0.51
C ALA A 148 -4.61 20.91 -0.60
N GLY A 149 -5.60 20.66 -1.46
CA GLY A 149 -5.43 19.73 -2.61
C GLY A 149 -4.88 20.38 -3.89
N THR A 150 -4.78 21.70 -3.88
CA THR A 150 -4.26 22.49 -4.99
C THR A 150 -2.92 21.97 -5.49
N ALA A 151 -1.97 21.78 -4.57
CA ALA A 151 -0.62 21.29 -4.90
C ALA A 151 -0.58 19.90 -5.54
N PHE A 152 -1.30 18.96 -4.92
CA PHE A 152 -1.34 17.59 -5.44
C PHE A 152 -1.89 17.62 -6.85
N TYR A 153 -2.91 18.43 -7.08
CA TYR A 153 -3.50 18.53 -8.41
C TYR A 153 -2.52 19.03 -9.45
N GLU A 154 -1.69 20.00 -9.11
CA GLU A 154 -0.69 20.50 -10.05
C GLU A 154 0.23 19.34 -10.49
N SER A 155 0.69 18.53 -9.53
CA SER A 155 1.58 17.39 -9.86
C SER A 155 0.86 16.35 -10.67
N TYR A 156 -0.35 16.03 -10.24
CA TYR A 156 -1.16 15.05 -10.91
C TYR A 156 -1.34 15.41 -12.39
N ASN A 157 -1.72 16.66 -12.62
CA ASN A 157 -1.98 17.14 -13.98
C ASN A 157 -0.72 17.13 -14.84
N LYS A 158 0.38 17.60 -14.27
CA LYS A 158 1.65 17.65 -15.01
C LYS A 158 2.17 16.28 -15.37
N LEU A 159 2.06 15.34 -14.43
CA LEU A 159 2.51 13.97 -14.65
C LEU A 159 1.60 13.21 -15.60
N LYS A 160 0.30 13.49 -15.53
CA LYS A 160 -0.64 12.81 -16.43
C LYS A 160 -0.28 13.08 -17.89
N ILE A 161 0.23 14.27 -18.19
CA ILE A 161 0.62 14.61 -19.55
C ILE A 161 1.67 13.64 -20.09
N ILE A 162 2.53 13.09 -19.22
CA ILE A 162 3.55 12.13 -19.67
C ILE A 162 3.20 10.70 -19.27
N ASN A 163 1.93 10.47 -18.97
CA ASN A 163 1.43 9.17 -18.57
C ASN A 163 2.18 8.61 -17.34
N ALA A 164 2.51 9.50 -16.40
CA ALA A 164 3.14 9.08 -15.16
C ALA A 164 2.00 9.07 -14.13
N LYS A 165 1.98 8.05 -13.28
CA LYS A 165 0.93 7.93 -12.28
C LYS A 165 1.47 8.04 -10.85
N ILE A 166 0.79 8.82 -10.02
CA ILE A 166 1.14 8.97 -8.60
C ILE A 166 0.55 7.78 -7.82
N ALA A 167 1.41 6.94 -7.25
CA ALA A 167 0.96 5.73 -6.55
C ALA A 167 0.73 5.93 -5.05
N GLY A 168 1.27 7.03 -4.53
CA GLY A 168 1.14 7.33 -3.11
C GLY A 168 1.86 8.62 -2.81
N VAL A 169 1.66 9.09 -1.58
CA VAL A 169 2.22 10.34 -1.11
C VAL A 169 2.86 10.09 0.27
N VAL A 170 3.99 10.74 0.53
CA VAL A 170 4.66 10.65 1.81
C VAL A 170 4.94 12.09 2.28
N LEU A 171 4.51 12.37 3.52
CA LEU A 171 4.63 13.67 4.14
C LEU A 171 5.28 13.59 5.51
N SER A 172 5.68 14.73 6.04
CA SER A 172 6.24 14.79 7.38
C SER A 172 5.15 14.64 8.45
N ILE A 173 3.97 15.20 8.19
CA ILE A 173 2.89 15.13 9.17
C ILE A 173 1.50 15.10 8.48
N ASP A 174 0.58 14.36 9.08
CA ASP A 174 -0.84 14.34 8.70
C ASP A 174 -1.55 14.93 9.94
N ARG A 175 -2.04 16.17 9.82
CA ARG A 175 -2.68 16.87 10.94
C ARG A 175 -4.07 16.33 11.26
N GLN A 176 -4.59 15.49 10.37
CA GLN A 176 -5.89 14.87 10.56
C GLN A 176 -6.94 15.92 10.90
N GLU A 177 -6.88 17.05 10.21
CA GLU A 177 -7.88 18.10 10.46
C GLU A 177 -8.50 18.61 9.15
N LYS A 178 -9.69 19.17 9.27
CA LYS A 178 -10.42 19.65 8.09
C LYS A 178 -9.65 20.69 7.28
N ALA A 179 -9.68 20.53 5.96
CA ALA A 179 -9.11 21.51 5.06
C ALA A 179 -10.05 22.73 5.05
N LYS A 180 -9.54 23.84 4.58
CA LYS A 180 -10.34 25.07 4.51
C LYS A 180 -11.58 24.80 3.66
N ASP A 181 -12.74 25.28 4.09
CA ASP A 181 -13.98 25.08 3.32
C ASP A 181 -14.28 23.61 2.99
N SER A 182 -13.92 22.70 3.89
CA SER A 182 -14.16 21.30 3.63
C SER A 182 -14.60 20.59 4.91
N ASP A 183 -15.16 19.40 4.72
CA ASP A 183 -15.59 18.57 5.84
C ASP A 183 -14.54 17.54 6.22
N ILE A 184 -13.52 17.40 5.38
CA ILE A 184 -12.45 16.41 5.64
C ILE A 184 -11.08 17.02 5.36
N SER A 185 -10.02 16.29 5.74
CA SER A 185 -8.68 16.76 5.47
C SER A 185 -8.35 16.70 4.00
N ALA A 186 -7.37 17.49 3.59
CA ALA A 186 -6.96 17.49 2.20
C ALA A 186 -6.41 16.11 1.84
N THR A 187 -5.74 15.46 2.79
CA THR A 187 -5.16 14.13 2.54
C THR A 187 -6.24 13.03 2.41
N LYS A 188 -7.29 13.11 3.21
CA LYS A 188 -8.37 12.15 3.07
C LYS A 188 -9.05 12.33 1.73
N LYS A 189 -9.27 13.57 1.31
CA LYS A 189 -9.93 13.82 0.01
C LYS A 189 -9.07 13.24 -1.13
N ILE A 190 -7.77 13.38 -1.02
CA ILE A 190 -6.85 12.79 -2.03
C ILE A 190 -6.94 11.24 -2.01
N SER A 191 -6.92 10.63 -0.83
CA SER A 191 -7.07 9.16 -0.74
C SER A 191 -8.37 8.68 -1.36
N GLN A 192 -9.46 9.40 -1.07
CA GLN A 192 -10.78 9.04 -1.62
C GLN A 192 -10.89 9.25 -3.13
N ASP A 193 -10.47 10.40 -3.59
CA ASP A 193 -10.62 10.74 -5.00
C ASP A 193 -9.64 10.06 -5.94
N PHE A 194 -8.45 9.74 -5.45
CA PHE A 194 -7.40 9.11 -6.27
C PHE A 194 -7.09 7.67 -5.89
N ASN A 195 -7.70 7.21 -4.80
CA ASN A 195 -7.51 5.84 -4.31
C ASN A 195 -6.04 5.42 -4.14
N ILE A 196 -5.32 6.20 -3.34
CA ILE A 196 -3.94 5.99 -3.04
C ILE A 196 -3.70 6.30 -1.56
N PRO A 197 -2.70 5.65 -0.97
CA PRO A 197 -2.40 5.92 0.42
C PRO A 197 -1.58 7.18 0.57
N VAL A 198 -1.75 7.84 1.71
CA VAL A 198 -0.97 9.04 2.08
C VAL A 198 -0.28 8.71 3.40
N LEU A 199 1.03 8.52 3.31
CA LEU A 199 1.85 8.16 4.45
C LEU A 199 2.43 9.42 5.12
N ALA A 200 2.68 9.34 6.42
CA ALA A 200 3.21 10.48 7.14
C ALA A 200 4.13 10.04 8.25
N VAL A 201 5.25 10.76 8.44
CA VAL A 201 6.22 10.44 9.48
C VAL A 201 5.55 10.50 10.86
N THR A 202 4.73 11.52 11.06
CA THR A 202 3.96 11.65 12.29
C THR A 202 2.53 12.14 11.98
N ASN A 203 1.67 12.12 12.99
N ASN A 203 1.67 12.12 12.99
CA ASN A 203 0.32 12.63 12.83
CA ASN A 203 0.30 12.59 12.82
C ASN A 203 -0.27 13.10 14.14
C ASN A 203 -0.30 13.06 14.14
N PHE A 204 -1.45 13.71 14.07
CA PHE A 204 -2.12 14.22 15.28
C PHE A 204 -2.28 13.13 16.34
N GLU A 205 -2.76 11.95 15.92
CA GLU A 205 -2.98 10.85 16.86
C GLU A 205 -1.69 10.49 17.63
N SER A 206 -0.56 10.39 16.93
N SER A 206 -0.58 10.42 16.91
CA SER A 206 0.72 10.07 17.60
CA SER A 206 0.71 10.10 17.53
C SER A 206 1.19 11.19 18.54
C SER A 206 1.17 11.18 18.51
N ILE A 207 0.98 12.44 18.13
CA ILE A 207 1.35 13.57 18.98
C ILE A 207 0.43 13.55 20.21
N PHE A 208 -0.86 13.31 19.97
CA PHE A 208 -1.82 13.23 21.06
C PHE A 208 -1.49 12.08 22.04
N GLU A 209 -0.97 10.97 21.53
CA GLU A 209 -0.55 9.88 22.42
C GLU A 209 0.59 10.34 23.32
N TYR A 210 1.55 11.07 22.77
CA TYR A 210 2.64 11.63 23.56
C TYR A 210 2.11 12.59 24.64
N VAL A 211 1.13 13.43 24.27
CA VAL A 211 0.50 14.38 25.20
C VAL A 211 -0.11 13.62 26.39
N LYS A 212 -0.93 12.62 26.11
CA LYS A 212 -1.57 11.81 27.15
C LYS A 212 -0.55 11.18 28.07
N GLU A 213 0.55 10.67 27.51
CA GLU A 213 1.56 10.01 28.30
C GLU A 213 2.41 10.92 29.15
N ASN A 214 2.62 12.17 28.71
CA ASN A 214 3.58 13.05 29.34
C ASN A 214 3.13 14.42 29.85
N LEU A 215 2.01 14.95 29.37
CA LEU A 215 1.64 16.31 29.69
C LEU A 215 0.46 16.42 30.67
N ASP A 216 0.13 17.67 31.03
N ASP A 216 0.14 17.65 31.08
CA ASP A 216 -0.93 17.96 32.00
CA ASP A 216 -0.91 17.86 32.07
C ASP A 216 -2.33 17.72 31.44
C ASP A 216 -2.31 17.74 31.46
N GLU A 217 -3.28 17.49 32.33
CA GLU A 217 -4.67 17.32 31.93
C GLU A 217 -5.20 18.51 31.13
N THR A 218 -4.73 19.72 31.41
CA THR A 218 -5.23 20.88 30.67
C THR A 218 -4.82 20.79 29.18
N MET A 219 -3.64 20.24 28.91
CA MET A 219 -3.15 20.12 27.52
C MET A 219 -3.84 18.93 26.87
N ILE A 220 -4.10 17.88 27.65
CA ILE A 220 -4.82 16.74 27.14
C ILE A 220 -6.21 17.22 26.65
N ASP A 221 -6.87 18.04 27.47
N ASP A 221 -6.87 18.05 27.46
CA ASP A 221 -8.18 18.58 27.13
CA ASP A 221 -8.20 18.54 27.08
C ASP A 221 -8.16 19.49 25.91
C ASP A 221 -8.15 19.45 25.85
N LYS A 222 -7.11 20.28 25.76
CA LYS A 222 -6.96 21.15 24.60
C LYS A 222 -6.90 20.33 23.31
N PHE A 223 -6.19 19.21 23.38
CA PHE A 223 -6.14 18.30 22.25
C PHE A 223 -7.50 17.67 21.97
N LYS A 224 -8.21 17.24 23.01
CA LYS A 224 -9.53 16.65 22.78
C LYS A 224 -10.46 17.64 22.15
N GLN A 225 -10.43 18.86 22.65
CA GLN A 225 -11.31 19.89 22.12
C GLN A 225 -10.97 20.25 20.68
N TYR A 226 -9.68 20.29 20.36
CA TYR A 226 -9.24 20.64 19.01
C TYR A 226 -9.73 19.57 18.05
N ARG A 227 -9.56 18.30 18.41
CA ARG A 227 -10.03 17.20 17.58
C ARG A 227 -11.56 17.26 17.37
N GLN A 228 -12.30 17.53 18.44
CA GLN A 228 -13.75 17.64 18.32
C GLN A 228 -14.16 18.74 17.36
N LYS A 229 -13.46 19.88 17.44
N LYS A 229 -13.46 19.88 17.43
CA LYS A 229 -13.78 21.03 16.61
CA LYS A 229 -13.81 21.05 16.61
C LYS A 229 -13.37 20.90 15.15
C LYS A 229 -13.33 21.00 15.15
N TYR A 230 -12.11 20.49 14.91
CA TYR A 230 -11.56 20.46 13.56
C TYR A 230 -11.07 19.11 13.03
N GLY A 231 -11.23 18.05 13.79
CA GLY A 231 -10.72 16.75 13.40
C GLY A 231 -11.37 16.17 12.16
N SER A 232 -10.54 15.46 11.40
CA SER A 232 -10.99 14.74 10.20
C SER A 232 -10.56 13.28 10.29
N ASN B 17 50.61 22.39 1.60
N ASN B 17 49.67 21.69 1.98
CA ASN B 17 49.73 21.74 0.60
CA ASN B 17 49.69 21.62 0.49
C ASN B 17 48.73 22.75 0.02
C ASN B 17 48.70 22.64 -0.09
N LEU B 18 49.19 23.52 -0.96
CA LEU B 18 48.35 24.57 -1.56
C LEU B 18 47.41 24.05 -2.64
N TYR B 19 47.69 22.85 -3.16
CA TYR B 19 46.90 22.27 -4.26
C TYR B 19 45.93 21.15 -3.90
N PHE B 20 44.89 21.02 -4.71
CA PHE B 20 43.96 19.90 -4.60
C PHE B 20 44.57 18.74 -5.38
N GLN B 21 44.24 17.51 -4.97
CA GLN B 21 44.74 16.32 -5.69
C GLN B 21 43.84 16.10 -6.92
N SER B 22 44.44 15.90 -8.10
CA SER B 22 43.68 15.64 -9.32
C SER B 22 42.85 14.38 -9.09
N ASN B 23 41.61 14.37 -9.60
CA ASN B 23 40.70 13.25 -9.32
C ASN B 23 40.35 12.32 -10.49
N ALA B 24 41.19 11.30 -10.68
CA ALA B 24 40.95 10.30 -11.72
C ALA B 24 39.74 9.42 -11.35
N MET B 25 39.51 9.21 -10.06
CA MET B 25 38.40 8.36 -9.61
C MET B 25 37.07 9.00 -10.04
N PHE B 26 36.95 10.30 -9.84
CA PHE B 26 35.73 10.98 -10.24
C PHE B 26 35.51 10.88 -11.74
N ILE B 27 36.57 11.05 -12.52
CA ILE B 27 36.50 10.96 -13.97
C ILE B 27 35.99 9.58 -14.40
N GLU B 28 36.48 8.52 -13.76
CA GLU B 28 36.03 7.15 -14.07
C GLU B 28 34.55 6.96 -13.74
N PHE B 29 34.13 7.53 -12.62
CA PHE B 29 32.73 7.51 -12.18
C PHE B 29 31.82 8.26 -13.19
N ALA B 30 32.28 9.41 -13.67
CA ALA B 30 31.53 10.20 -14.67
C ALA B 30 31.46 9.44 -15.98
N LEU B 31 32.57 8.84 -16.40
CA LEU B 31 32.59 8.03 -17.65
C LEU B 31 31.63 6.85 -17.58
N LYS B 32 31.71 6.09 -16.49
CA LYS B 32 30.89 4.90 -16.31
C LYS B 32 29.38 5.23 -16.37
N ASN B 33 29.02 6.43 -15.94
CA ASN B 33 27.64 6.86 -15.89
C ASN B 33 27.16 7.79 -17.03
N GLN B 34 27.99 7.90 -18.08
N GLN B 34 27.95 7.86 -18.11
CA GLN B 34 27.65 8.70 -19.27
CA GLN B 34 27.64 8.71 -19.30
C GLN B 34 27.63 10.21 -19.05
C GLN B 34 27.65 10.22 -19.05
N VAL B 35 28.07 10.66 -17.87
CA VAL B 35 28.11 12.09 -17.56
C VAL B 35 29.25 12.77 -18.33
N LEU B 36 30.39 12.08 -18.42
CA LEU B 36 31.52 12.56 -19.20
C LEU B 36 31.63 11.64 -20.39
N LYS B 37 31.78 12.25 -21.56
N LYS B 37 31.75 12.23 -21.59
CA LYS B 37 31.92 11.54 -22.83
CA LYS B 37 31.93 11.47 -22.82
C LYS B 37 33.06 12.13 -23.63
C LYS B 37 33.02 12.12 -23.66
N PHE B 38 33.75 11.29 -24.39
CA PHE B 38 34.81 11.75 -25.27
C PHE B 38 34.41 11.53 -26.72
N GLY B 39 34.86 12.40 -27.61
CA GLY B 39 34.56 12.25 -29.02
C GLY B 39 34.65 13.59 -29.72
N GLU B 40 33.55 13.99 -30.37
CA GLU B 40 33.43 15.28 -31.02
C GLU B 40 31.98 15.77 -30.77
N PHE B 41 31.82 16.89 -30.07
CA PHE B 41 30.49 17.40 -29.74
C PHE B 41 30.34 18.87 -30.07
N THR B 42 29.19 19.26 -30.60
CA THR B 42 28.90 20.67 -30.86
C THR B 42 28.21 21.21 -29.61
N LEU B 43 28.84 22.17 -28.94
CA LEU B 43 28.29 22.77 -27.72
C LEU B 43 27.30 23.89 -28.09
N LYS B 44 26.56 24.38 -27.10
CA LYS B 44 25.58 25.46 -27.32
C LYS B 44 26.23 26.68 -27.95
N SER B 45 27.47 26.97 -27.56
CA SER B 45 28.20 28.10 -28.12
C SER B 45 28.61 27.84 -29.58
N GLY B 46 28.37 26.64 -30.08
CA GLY B 46 28.74 26.29 -31.45
C GLY B 46 30.15 25.73 -31.55
N ARG B 47 30.91 25.75 -30.45
CA ARG B 47 32.27 25.23 -30.50
C ARG B 47 32.26 23.72 -30.61
N ILE B 48 33.20 23.18 -31.38
N ILE B 48 33.19 23.18 -31.38
CA ILE B 48 33.35 21.74 -31.55
CA ILE B 48 33.32 21.72 -31.55
C ILE B 48 34.33 21.27 -30.47
C ILE B 48 34.32 21.20 -30.51
N SER B 49 33.80 20.57 -29.46
CA SER B 49 34.60 20.09 -28.34
C SER B 49 34.90 18.61 -28.40
N PRO B 50 36.05 18.20 -27.86
CA PRO B 50 36.44 16.80 -27.84
C PRO B 50 35.88 16.04 -26.62
N TYR B 51 35.14 16.73 -25.76
CA TYR B 51 34.47 16.10 -24.64
C TYR B 51 33.16 16.82 -24.32
N PHE B 52 32.30 16.11 -23.62
CA PHE B 52 31.00 16.64 -23.19
C PHE B 52 30.77 16.20 -21.75
N PHE B 53 30.26 17.12 -20.92
CA PHE B 53 30.01 16.83 -19.51
C PHE B 53 28.62 17.32 -19.13
N ASN B 54 27.80 16.42 -18.60
CA ASN B 54 26.45 16.77 -18.15
C ASN B 54 26.06 16.01 -16.89
N ALA B 55 26.26 16.64 -15.75
CA ALA B 55 25.95 16.05 -14.45
C ALA B 55 24.46 15.75 -14.27
N GLY B 56 23.64 16.27 -15.17
CA GLY B 56 22.18 16.04 -15.17
C GLY B 56 21.84 14.59 -15.46
N LEU B 57 22.79 13.84 -16.03
CA LEU B 57 22.58 12.41 -16.25
C LEU B 57 22.71 11.57 -14.98
N PHE B 58 23.23 12.14 -13.89
CA PHE B 58 23.23 11.41 -12.60
C PHE B 58 21.80 11.51 -12.12
N ASN B 59 21.07 10.39 -12.11
CA ASN B 59 19.64 10.42 -11.75
C ASN B 59 19.12 9.32 -10.82
N THR B 60 20.02 8.63 -10.12
CA THR B 60 19.63 7.63 -9.12
C THR B 60 20.36 8.00 -7.84
N GLY B 61 19.82 7.57 -6.71
CA GLY B 61 20.36 7.96 -5.42
C GLY B 61 21.83 7.61 -5.20
N ALA B 62 22.26 6.44 -5.66
CA ALA B 62 23.68 6.03 -5.48
C ALA B 62 24.60 7.00 -6.24
N GLN B 63 24.16 7.42 -7.43
N GLN B 63 24.17 7.45 -7.40
CA GLN B 63 24.90 8.40 -8.23
CA GLN B 63 24.96 8.40 -8.17
C GLN B 63 24.96 9.75 -7.49
C GLN B 63 24.98 9.78 -7.50
N LEU B 64 23.82 10.23 -7.00
CA LEU B 64 23.75 11.50 -6.30
C LEU B 64 24.59 11.48 -5.01
N ALA B 65 24.53 10.37 -4.27
CA ALA B 65 25.27 10.23 -3.03
C ALA B 65 26.78 10.27 -3.31
N THR B 66 27.19 9.66 -4.41
CA THR B 66 28.61 9.65 -4.80
C THR B 66 29.06 11.04 -5.23
N LEU B 67 28.27 11.69 -6.09
CA LEU B 67 28.58 13.05 -6.52
C LEU B 67 28.69 13.97 -5.31
N ALA B 68 27.75 13.83 -4.38
CA ALA B 68 27.70 14.65 -3.19
C ALA B 68 28.95 14.44 -2.33
N ASP B 69 29.42 13.20 -2.32
CA ASP B 69 30.60 12.87 -1.55
C ASP B 69 31.82 13.56 -2.18
N TYR B 70 31.92 13.56 -3.51
CA TYR B 70 33.01 14.26 -4.19
C TYR B 70 32.98 15.75 -3.86
N TYR B 71 31.79 16.36 -3.90
CA TYR B 71 31.66 17.74 -3.49
C TYR B 71 32.10 17.94 -2.02
N ALA B 72 31.65 17.05 -1.12
CA ALA B 72 31.96 17.18 0.32
C ALA B 72 33.48 17.15 0.54
N GLN B 73 34.14 16.19 -0.08
CA GLN B 73 35.60 16.07 0.05
C GLN B 73 36.35 17.32 -0.38
N LEU B 74 35.92 17.91 -1.50
CA LEU B 74 36.49 19.15 -2.00
C LEU B 74 36.27 20.30 -1.01
N ILE B 75 35.06 20.40 -0.48
CA ILE B 75 34.75 21.46 0.49
C ILE B 75 35.63 21.28 1.75
N ILE B 76 35.74 20.06 2.25
CA ILE B 76 36.55 19.76 3.43
C ILE B 76 38.04 20.06 3.21
N LYS B 77 38.56 19.55 2.10
CA LYS B 77 39.99 19.69 1.77
C LYS B 77 40.39 21.12 1.41
N SER B 78 39.46 21.93 0.93
CA SER B 78 39.77 23.30 0.58
C SER B 78 39.94 24.16 1.81
N ASP B 79 39.31 23.74 2.91
CA ASP B 79 39.34 24.44 4.18
C ASP B 79 38.71 25.84 4.06
N VAL B 80 37.85 26.04 3.06
CA VAL B 80 37.16 27.33 2.88
C VAL B 80 36.32 27.62 4.13
N LYS B 81 36.31 28.89 4.56
CA LYS B 81 35.58 29.28 5.77
C LYS B 81 34.20 29.82 5.42
N TYR B 82 33.17 29.16 5.95
CA TYR B 82 31.79 29.57 5.70
C TYR B 82 30.90 29.09 6.86
N ASP B 83 29.73 29.70 6.98
CA ASP B 83 28.75 29.37 8.02
C ASP B 83 27.61 28.48 7.50
N ILE B 84 27.17 28.76 6.28
CA ILE B 84 25.98 28.11 5.70
C ILE B 84 26.14 27.67 4.24
N LEU B 85 25.71 26.45 3.93
CA LEU B 85 25.73 25.94 2.55
C LEU B 85 24.53 26.53 1.83
N PHE B 86 24.75 27.28 0.75
CA PHE B 86 23.68 27.90 -0.01
C PHE B 86 23.54 27.28 -1.39
N GLY B 87 22.34 26.76 -1.67
CA GLY B 87 22.02 26.13 -2.93
C GLY B 87 21.00 26.93 -3.71
N PRO B 88 21.44 27.61 -4.77
CA PRO B 88 20.50 28.37 -5.58
C PRO B 88 19.56 27.48 -6.43
N ALA B 89 18.32 27.96 -6.62
CA ALA B 89 17.37 27.23 -7.45
C ALA B 89 17.86 27.24 -8.91
N TYR B 90 17.71 26.14 -9.67
CA TYR B 90 17.17 24.89 -9.21
C TYR B 90 18.23 23.82 -8.94
N LYS B 91 19.35 23.87 -9.65
CA LYS B 91 20.36 22.78 -9.50
C LYS B 91 21.06 22.73 -8.14
N GLY B 92 21.18 23.89 -7.49
CA GLY B 92 21.86 23.97 -6.20
C GLY B 92 21.10 23.34 -5.07
N ILE B 93 19.78 23.26 -5.20
CA ILE B 93 18.93 22.70 -4.15
C ILE B 93 19.18 21.22 -3.84
N PRO B 94 19.02 20.34 -4.84
CA PRO B 94 19.26 18.94 -4.51
C PRO B 94 20.72 18.70 -4.13
N LEU B 95 21.64 19.47 -4.71
CA LEU B 95 23.07 19.30 -4.40
C LEU B 95 23.32 19.60 -2.93
N VAL B 96 22.82 20.74 -2.44
CA VAL B 96 23.04 21.12 -1.05
C VAL B 96 22.33 20.16 -0.08
N ALA B 97 21.15 19.67 -0.43
CA ALA B 97 20.48 18.71 0.42
C ALA B 97 21.33 17.43 0.54
N ALA B 98 21.84 16.97 -0.60
CA ALA B 98 22.64 15.74 -0.65
C ALA B 98 23.98 15.91 0.02
N ILE B 99 24.66 17.03 -0.26
CA ILE B 99 25.97 17.32 0.34
C ILE B 99 25.86 17.46 1.87
N SER B 100 24.87 18.22 2.36
N SER B 100 24.89 18.23 2.36
CA SER B 100 24.66 18.39 3.79
CA SER B 100 24.69 18.41 3.80
C SER B 100 24.43 17.06 4.45
C SER B 100 24.41 17.07 4.48
N THR B 101 23.69 16.18 3.79
CA THR B 101 23.39 14.86 4.30
C THR B 101 24.68 14.01 4.40
N VAL B 102 25.48 14.04 3.35
CA VAL B 102 26.75 13.28 3.34
C VAL B 102 27.73 13.81 4.38
N LEU B 103 27.90 15.12 4.43
CA LEU B 103 28.78 15.78 5.42
C LEU B 103 28.46 15.29 6.82
N ALA B 104 27.17 15.23 7.14
CA ALA B 104 26.74 14.77 8.46
C ALA B 104 26.96 13.28 8.69
N LEU B 105 26.37 12.44 7.85
CA LEU B 105 26.41 11.00 8.03
C LEU B 105 27.78 10.36 7.84
N LYS B 106 28.54 10.83 6.87
CA LYS B 106 29.84 10.22 6.59
C LYS B 106 31.02 10.93 7.26
N TYR B 107 30.94 12.25 7.44
CA TYR B 107 32.07 13.01 7.98
C TYR B 107 31.85 13.73 9.30
N ASN B 108 30.69 13.51 9.92
CA ASN B 108 30.37 14.12 11.22
C ASN B 108 30.47 15.64 11.20
N ILE B 109 30.14 16.24 10.06
CA ILE B 109 30.13 17.68 9.92
C ILE B 109 28.67 18.07 9.75
N ASP B 110 28.11 18.73 10.75
CA ASP B 110 26.70 19.11 10.75
C ASP B 110 26.59 20.57 10.35
N MET B 111 26.26 20.82 9.08
CA MET B 111 26.28 22.17 8.55
C MET B 111 24.90 22.74 8.23
N PRO B 112 24.66 24.03 8.57
CA PRO B 112 23.37 24.62 8.19
C PRO B 112 23.30 24.82 6.66
N TYR B 113 22.09 24.73 6.10
CA TYR B 113 21.89 24.89 4.67
C TYR B 113 20.72 25.84 4.41
N ALA B 114 20.72 26.44 3.21
CA ALA B 114 19.68 27.39 2.79
C ALA B 114 19.47 27.30 1.31
N PHE B 115 18.27 27.65 0.86
CA PHE B 115 17.93 27.64 -0.56
C PHE B 115 17.18 28.92 -0.87
N ASP B 116 17.13 29.28 -2.15
CA ASP B 116 16.32 30.42 -2.60
C ASP B 116 15.29 29.86 -3.56
N ARG B 117 14.49 30.74 -4.15
CA ARG B 117 13.53 30.35 -5.17
C ARG B 117 13.83 31.15 -6.44
N LYS B 118 13.48 30.62 -7.60
CA LYS B 118 13.67 31.32 -8.88
C LYS B 118 12.78 32.56 -9.00
N GLY B 127 8.51 33.93 1.28
CA GLY B 127 9.94 34.01 1.61
C GLY B 127 10.85 33.75 0.43
N VAL B 128 11.78 34.68 0.19
CA VAL B 128 12.76 34.52 -0.88
C VAL B 128 13.70 33.36 -0.55
N PHE B 129 14.05 33.21 0.73
CA PHE B 129 14.95 32.14 1.19
C PHE B 129 14.28 31.18 2.16
N VAL B 130 14.82 29.97 2.26
CA VAL B 130 14.34 29.00 3.22
C VAL B 130 15.52 28.27 3.82
N GLY B 131 15.30 27.61 4.94
CA GLY B 131 16.35 26.92 5.65
C GLY B 131 16.99 27.83 6.69
N ALA B 132 18.28 27.65 6.94
CA ALA B 132 18.99 28.44 7.92
C ALA B 132 19.05 29.91 7.52
N ASP B 133 18.84 30.80 8.49
CA ASP B 133 18.87 32.24 8.24
C ASP B 133 20.29 32.65 7.86
N MET B 134 20.41 33.29 6.70
CA MET B 134 21.71 33.70 6.16
C MET B 134 22.12 35.15 6.48
N THR B 135 21.25 35.89 7.16
CA THR B 135 21.52 37.31 7.49
C THR B 135 22.85 37.47 8.21
N ASN B 136 23.66 38.40 7.73
CA ASN B 136 25.00 38.66 8.32
C ASN B 136 25.91 37.42 8.35
N LYS B 137 25.67 36.46 7.46
CA LYS B 137 26.45 35.22 7.45
C LYS B 137 27.31 35.08 6.19
N LYS B 138 28.28 34.17 6.26
CA LYS B 138 29.11 33.83 5.12
C LYS B 138 28.61 32.50 4.57
N VAL B 139 28.32 32.46 3.28
CA VAL B 139 27.77 31.27 2.67
C VAL B 139 28.64 30.71 1.55
N LEU B 140 28.53 29.42 1.32
CA LEU B 140 29.26 28.76 0.24
C LEU B 140 28.23 28.41 -0.81
N LEU B 141 28.37 29.02 -1.99
CA LEU B 141 27.42 28.80 -3.07
C LEU B 141 27.77 27.53 -3.82
N ILE B 142 26.82 26.61 -3.85
CA ILE B 142 26.99 25.31 -4.51
C ILE B 142 26.11 25.24 -5.73
N ASP B 143 26.68 24.86 -6.88
CA ASP B 143 25.87 24.75 -8.09
C ASP B 143 26.52 23.71 -9.02
N ASP B 144 25.89 23.48 -10.17
CA ASP B 144 26.38 22.53 -11.17
C ASP B 144 27.48 23.19 -12.02
N VAL B 145 27.12 24.16 -12.86
CA VAL B 145 28.09 24.83 -13.73
C VAL B 145 27.94 26.33 -13.71
N MET B 146 28.96 27.00 -14.26
CA MET B 146 28.98 28.45 -14.37
C MET B 146 29.57 28.81 -15.73
N THR B 147 28.71 28.88 -16.74
CA THR B 147 29.14 29.20 -18.10
C THR B 147 29.14 30.71 -18.32
N ALA B 148 28.29 31.41 -17.56
CA ALA B 148 28.19 32.87 -17.60
C ALA B 148 28.09 33.36 -16.16
N GLY B 149 28.37 34.63 -15.93
CA GLY B 149 28.29 35.19 -14.58
C GLY B 149 26.89 35.59 -14.14
N THR B 150 25.92 35.47 -15.04
CA THR B 150 24.54 35.88 -14.76
C THR B 150 23.97 35.29 -13.47
N ALA B 151 23.96 33.97 -13.37
CA ALA B 151 23.43 33.29 -12.19
C ALA B 151 24.12 33.75 -10.90
N PHE B 152 25.45 33.89 -10.93
CA PHE B 152 26.21 34.31 -9.76
C PHE B 152 25.76 35.69 -9.29
N TYR B 153 25.63 36.60 -10.24
CA TYR B 153 25.18 37.95 -9.96
C TYR B 153 23.78 37.96 -9.40
N GLU B 154 22.92 37.07 -9.87
CA GLU B 154 21.55 36.99 -9.36
C GLU B 154 21.59 36.68 -7.87
N SER B 155 22.42 35.72 -7.49
CA SER B 155 22.56 35.33 -6.09
C SER B 155 23.23 36.39 -5.24
N TYR B 156 24.32 36.95 -5.75
CA TYR B 156 25.08 37.98 -5.04
C TYR B 156 24.18 39.15 -4.62
N ASN B 157 23.35 39.61 -5.54
CA ASN B 157 22.45 40.75 -5.32
C ASN B 157 21.34 40.41 -4.32
N LYS B 158 20.76 39.21 -4.43
CA LYS B 158 19.72 38.78 -3.49
C LYS B 158 20.26 38.66 -2.07
N LEU B 159 21.45 38.08 -1.94
CA LEU B 159 22.09 37.89 -0.65
C LEU B 159 22.58 39.17 0.00
N LYS B 160 23.06 40.10 -0.82
CA LYS B 160 23.57 41.39 -0.35
C LYS B 160 22.49 42.12 0.43
N ILE B 161 21.27 42.05 -0.08
CA ILE B 161 20.10 42.66 0.56
C ILE B 161 19.98 42.28 2.03
N ILE B 162 20.34 41.04 2.38
CA ILE B 162 20.29 40.60 3.78
C ILE B 162 21.68 40.53 4.44
N ASN B 163 22.63 41.27 3.88
CA ASN B 163 24.01 41.31 4.40
C ASN B 163 24.63 39.91 4.50
N ALA B 164 24.37 39.08 3.49
CA ALA B 164 24.96 37.72 3.41
C ALA B 164 26.08 37.80 2.39
N LYS B 165 27.21 37.19 2.71
CA LYS B 165 28.33 37.22 1.78
C LYS B 165 28.71 35.84 1.26
N ILE B 166 28.94 35.77 -0.05
CA ILE B 166 29.37 34.53 -0.70
C ILE B 166 30.88 34.41 -0.46
N ALA B 167 31.26 33.39 0.28
CA ALA B 167 32.65 33.16 0.63
C ALA B 167 33.39 32.37 -0.45
N GLY B 168 32.64 31.69 -1.31
CA GLY B 168 33.22 30.88 -2.37
C GLY B 168 32.15 30.16 -3.16
N VAL B 169 32.56 29.53 -4.25
CA VAL B 169 31.67 28.81 -5.14
C VAL B 169 32.23 27.43 -5.42
N VAL B 170 31.38 26.39 -5.34
CA VAL B 170 31.82 25.04 -5.67
C VAL B 170 30.92 24.51 -6.80
N LEU B 171 31.57 24.02 -7.87
CA LEU B 171 30.89 23.52 -9.06
C LEU B 171 31.23 22.05 -9.35
N SER B 172 30.51 21.41 -10.27
CA SER B 172 30.81 20.03 -10.65
C SER B 172 32.05 20.03 -11.57
N ILE B 173 32.09 20.98 -12.49
CA ILE B 173 33.17 21.11 -13.46
C ILE B 173 33.51 22.57 -13.79
N ASP B 174 34.79 22.85 -13.98
CA ASP B 174 35.26 24.14 -14.48
C ASP B 174 35.94 23.80 -15.83
N ARG B 175 35.31 24.17 -16.94
N ARG B 175 35.34 24.21 -16.94
CA ARG B 175 35.86 23.90 -18.28
CA ARG B 175 35.88 23.93 -18.27
C ARG B 175 37.10 24.77 -18.61
C ARG B 175 37.11 24.76 -18.61
N GLN B 176 37.39 25.77 -17.79
CA GLN B 176 38.57 26.62 -17.95
C GLN B 176 38.73 27.18 -19.36
N GLU B 177 37.62 27.63 -19.94
CA GLU B 177 37.64 28.17 -21.29
C GLU B 177 36.92 29.53 -21.36
N LYS B 178 37.37 30.37 -22.30
CA LYS B 178 36.85 31.73 -22.50
C LYS B 178 35.33 31.77 -22.59
N ALA B 179 34.72 32.78 -21.93
CA ALA B 179 33.26 32.93 -21.91
C ALA B 179 32.74 33.54 -23.21
N SER B 182 34.31 37.33 -24.49
CA SER B 182 35.27 37.60 -23.43
C SER B 182 36.55 36.78 -23.63
N ASP B 183 37.67 37.29 -23.14
CA ASP B 183 38.97 36.59 -23.27
C ASP B 183 39.30 35.66 -22.09
N ILE B 184 38.46 35.65 -21.06
CA ILE B 184 38.65 34.75 -19.92
C ILE B 184 37.35 34.03 -19.58
N SER B 185 37.48 33.00 -18.74
CA SER B 185 36.33 32.20 -18.33
C SER B 185 35.46 33.00 -17.37
N ALA B 186 34.18 32.67 -17.33
CA ALA B 186 33.25 33.33 -16.42
C ALA B 186 33.67 33.05 -14.97
N THR B 187 34.24 31.87 -14.71
CA THR B 187 34.70 31.53 -13.35
C THR B 187 35.91 32.36 -12.92
N LYS B 188 36.85 32.58 -13.85
CA LYS B 188 38.02 33.37 -13.52
C LYS B 188 37.63 34.82 -13.23
N LYS B 189 36.72 35.36 -14.02
CA LYS B 189 36.25 36.75 -13.84
C LYS B 189 35.61 36.93 -12.46
N ILE B 190 34.68 36.05 -12.10
CA ILE B 190 34.04 36.11 -10.78
C ILE B 190 35.08 36.03 -9.67
N SER B 191 35.98 35.07 -9.79
CA SER B 191 37.04 34.85 -8.80
C SER B 191 37.87 36.10 -8.55
N GLN B 192 38.24 36.76 -9.63
CA GLN B 192 39.04 37.98 -9.56
C GLN B 192 38.28 39.18 -9.04
N ASP B 193 37.12 39.45 -9.63
CA ASP B 193 36.31 40.61 -9.25
C ASP B 193 35.75 40.54 -7.83
N PHE B 194 35.43 39.34 -7.35
CA PHE B 194 34.87 39.18 -6.00
C PHE B 194 35.86 38.65 -4.97
N ASN B 195 37.06 38.31 -5.42
CA ASN B 195 38.13 37.84 -4.54
C ASN B 195 37.71 36.64 -3.65
N ILE B 196 37.17 35.61 -4.30
CA ILE B 196 36.78 34.38 -3.61
C ILE B 196 37.20 33.17 -4.43
N PRO B 197 37.36 32.02 -3.75
CA PRO B 197 37.70 30.81 -4.51
C PRO B 197 36.49 30.29 -5.29
N VAL B 198 36.71 29.88 -6.54
CA VAL B 198 35.68 29.25 -7.34
C VAL B 198 36.29 27.90 -7.62
N LEU B 199 35.76 26.88 -6.95
CA LEU B 199 36.32 25.53 -7.01
C LEU B 199 35.44 24.57 -7.80
N ALA B 200 35.98 23.44 -8.24
CA ALA B 200 35.18 22.49 -8.99
C ALA B 200 35.69 21.07 -8.78
N VAL B 201 34.75 20.13 -8.76
CA VAL B 201 35.06 18.70 -8.56
C VAL B 201 36.02 18.20 -9.63
N THR B 202 35.80 18.60 -10.88
CA THR B 202 36.74 18.29 -11.97
C THR B 202 36.90 19.52 -12.85
N ASN B 203 37.85 19.45 -13.78
CA ASN B 203 38.11 20.55 -14.67
C ASN B 203 38.85 20.06 -15.92
N PHE B 204 39.03 20.95 -16.87
CA PHE B 204 39.70 20.59 -18.12
C PHE B 204 41.09 20.04 -17.86
N GLU B 205 41.83 20.69 -16.97
CA GLU B 205 43.17 20.23 -16.66
C GLU B 205 43.16 18.76 -16.21
N SER B 206 42.25 18.43 -15.28
CA SER B 206 42.19 17.06 -14.78
C SER B 206 41.75 16.08 -15.87
N ILE B 207 40.81 16.48 -16.71
CA ILE B 207 40.34 15.60 -17.77
C ILE B 207 41.46 15.36 -18.80
N PHE B 208 42.15 16.44 -19.12
CA PHE B 208 43.26 16.41 -20.09
C PHE B 208 44.39 15.50 -19.56
N GLU B 209 44.67 15.54 -18.26
N GLU B 209 44.64 15.57 -18.25
CA GLU B 209 45.70 14.67 -17.70
CA GLU B 209 45.62 14.70 -17.59
C GLU B 209 45.23 13.21 -17.79
C GLU B 209 45.23 13.24 -17.79
N TYR B 210 43.94 12.97 -17.59
CA TYR B 210 43.39 11.62 -17.73
C TYR B 210 43.58 11.10 -19.16
N VAL B 211 43.29 11.98 -20.11
CA VAL B 211 43.44 11.68 -21.54
C VAL B 211 44.90 11.36 -21.89
N LYS B 212 45.82 12.19 -21.44
CA LYS B 212 47.25 11.96 -21.72
C LYS B 212 47.71 10.62 -21.17
N GLU B 213 47.21 10.24 -20.01
CA GLU B 213 47.67 9.02 -19.37
C GLU B 213 46.92 7.75 -19.73
N ASN B 214 45.79 7.87 -20.44
CA ASN B 214 44.97 6.71 -20.77
C ASN B 214 44.56 6.54 -22.24
N LEU B 215 44.38 7.64 -22.97
CA LEU B 215 43.85 7.56 -24.33
C LEU B 215 44.92 7.68 -25.44
N ASP B 216 44.50 7.43 -26.68
CA ASP B 216 45.41 7.44 -27.83
C ASP B 216 45.84 8.84 -28.25
N GLU B 217 46.91 8.90 -29.05
CA GLU B 217 47.51 10.16 -29.49
C GLU B 217 46.58 11.09 -30.27
N THR B 218 45.66 10.55 -31.05
CA THR B 218 44.77 11.42 -31.82
C THR B 218 43.81 12.19 -30.90
N MET B 219 43.31 11.51 -29.86
CA MET B 219 42.42 12.16 -28.89
C MET B 219 43.23 13.19 -28.10
N ILE B 220 44.45 12.82 -27.72
CA ILE B 220 45.33 13.72 -27.00
C ILE B 220 45.54 15.03 -27.77
N ASP B 221 45.79 14.93 -29.08
CA ASP B 221 46.02 16.12 -29.89
C ASP B 221 44.76 16.98 -30.01
N LYS B 222 43.61 16.33 -30.12
CA LYS B 222 42.33 17.08 -30.18
C LYS B 222 42.18 17.96 -28.93
N PHE B 223 42.57 17.41 -27.78
CA PHE B 223 42.50 18.16 -26.54
C PHE B 223 43.48 19.33 -26.53
N LYS B 224 44.69 19.08 -27.01
CA LYS B 224 45.71 20.11 -27.07
C LYS B 224 45.28 21.26 -27.96
N GLN B 225 44.79 20.96 -29.15
CA GLN B 225 44.33 21.99 -30.07
C GLN B 225 43.16 22.75 -29.49
N TYR B 226 42.22 22.05 -28.84
CA TYR B 226 41.07 22.70 -28.23
C TYR B 226 41.51 23.73 -27.17
N ARG B 227 42.45 23.34 -26.32
CA ARG B 227 42.94 24.23 -25.27
C ARG B 227 43.65 25.44 -25.84
N GLN B 228 44.45 25.20 -26.87
CA GLN B 228 45.18 26.27 -27.53
C GLN B 228 44.22 27.34 -28.04
N LYS B 229 43.08 26.92 -28.60
CA LYS B 229 42.09 27.84 -29.14
C LYS B 229 41.18 28.53 -28.13
N TYR B 230 40.73 27.78 -27.12
CA TYR B 230 39.71 28.30 -26.18
C TYR B 230 40.07 28.36 -24.71
N GLY B 231 41.19 27.76 -24.34
CA GLY B 231 41.62 27.70 -22.94
C GLY B 231 42.01 29.01 -22.31
N SER B 232 41.75 29.09 -21.01
CA SER B 232 42.06 30.22 -20.11
C SER B 232 40.99 30.28 -19.02
N ALA C 24 -40.90 -26.38 -9.41
CA ALA C 24 -41.32 -25.20 -10.21
C ALA C 24 -40.90 -23.89 -9.51
N MET C 25 -40.91 -23.87 -8.18
CA MET C 25 -40.54 -22.65 -7.44
C MET C 25 -39.04 -22.31 -7.64
N PHE C 26 -38.17 -23.30 -7.52
CA PHE C 26 -36.74 -23.02 -7.74
C PHE C 26 -36.51 -22.52 -9.16
N ILE C 27 -37.12 -23.18 -10.13
CA ILE C 27 -37.00 -22.78 -11.53
C ILE C 27 -37.42 -21.32 -11.73
N GLU C 28 -38.54 -20.91 -11.15
CA GLU C 28 -38.97 -19.51 -11.26
C GLU C 28 -37.97 -18.53 -10.60
N PHE C 29 -37.38 -18.94 -9.50
CA PHE C 29 -36.39 -18.14 -8.78
C PHE C 29 -35.13 -17.93 -9.64
N ALA C 30 -34.69 -19.02 -10.29
CA ALA C 30 -33.55 -18.99 -11.18
C ALA C 30 -33.84 -18.12 -12.43
N LEU C 31 -35.00 -18.27 -13.05
CA LEU C 31 -35.34 -17.42 -14.20
C LEU C 31 -35.39 -15.92 -13.83
N LYS C 32 -36.04 -15.61 -12.72
CA LYS C 32 -36.13 -14.22 -12.25
C LYS C 32 -34.75 -13.58 -12.10
N ASN C 33 -33.79 -14.37 -11.66
CA ASN C 33 -32.46 -13.86 -11.41
C ASN C 33 -31.43 -14.12 -12.52
N GLN C 34 -31.92 -14.49 -13.71
CA GLN C 34 -31.09 -14.70 -14.90
C GLN C 34 -30.13 -15.88 -14.80
N VAL C 35 -30.30 -16.71 -13.77
CA VAL C 35 -29.44 -17.89 -13.58
C VAL C 35 -29.76 -18.95 -14.61
N LEU C 36 -31.05 -19.11 -14.91
CA LEU C 36 -31.50 -20.05 -15.94
C LEU C 36 -32.02 -19.24 -17.12
N LYS C 37 -31.59 -19.60 -18.32
CA LYS C 37 -32.06 -18.93 -19.53
C LYS C 37 -32.43 -19.96 -20.58
N PHE C 38 -33.40 -19.62 -21.41
CA PHE C 38 -33.83 -20.48 -22.50
C PHE C 38 -33.50 -19.79 -23.84
N GLY C 39 -33.18 -20.59 -24.86
CA GLY C 39 -32.84 -20.07 -26.20
C GLY C 39 -31.96 -21.07 -26.94
N GLU C 40 -30.80 -20.59 -27.39
N GLU C 40 -30.81 -20.58 -27.40
CA GLU C 40 -29.78 -21.37 -28.09
CA GLU C 40 -29.78 -21.40 -28.03
C GLU C 40 -28.44 -20.87 -27.55
C GLU C 40 -28.46 -20.88 -27.52
N PHE C 41 -27.69 -21.75 -26.88
CA PHE C 41 -26.39 -21.38 -26.30
C PHE C 41 -25.29 -22.37 -26.63
N THR C 42 -24.12 -21.87 -26.98
CA THR C 42 -22.98 -22.74 -27.22
C THR C 42 -22.31 -23.05 -25.87
N LEU C 43 -22.33 -24.29 -25.44
CA LEU C 43 -21.68 -24.65 -24.19
C LEU C 43 -20.16 -24.78 -24.44
N LYS C 44 -19.40 -24.85 -23.36
CA LYS C 44 -17.93 -24.99 -23.49
C LYS C 44 -17.56 -26.23 -24.32
N SER C 45 -18.39 -27.28 -24.25
CA SER C 45 -18.14 -28.52 -24.99
C SER C 45 -18.38 -28.36 -26.50
N GLY C 46 -19.03 -27.25 -26.89
CA GLY C 46 -19.36 -26.95 -28.28
C GLY C 46 -20.80 -27.29 -28.61
N ARG C 47 -21.46 -28.02 -27.72
CA ARG C 47 -22.85 -28.42 -27.94
C ARG C 47 -23.73 -27.20 -27.93
N ILE C 48 -24.71 -27.17 -28.81
CA ILE C 48 -25.67 -26.08 -28.88
C ILE C 48 -26.86 -26.51 -28.05
N SER C 49 -27.01 -25.88 -26.90
CA SER C 49 -28.03 -26.20 -25.90
C SER C 49 -29.23 -25.25 -25.90
N PRO C 50 -30.44 -25.77 -25.65
CA PRO C 50 -31.60 -24.87 -25.61
C PRO C 50 -31.77 -24.14 -24.27
N TYR C 51 -30.86 -24.38 -23.31
CA TYR C 51 -30.93 -23.71 -22.02
C TYR C 51 -29.52 -23.54 -21.45
N PHE C 52 -29.38 -22.55 -20.57
CA PHE C 52 -28.10 -22.28 -19.91
C PHE C 52 -28.36 -21.98 -18.45
N PHE C 53 -27.49 -22.47 -17.57
CA PHE C 53 -27.67 -22.29 -16.15
C PHE C 53 -26.34 -21.87 -15.55
N ASN C 54 -26.34 -20.76 -14.82
CA ASN C 54 -25.14 -20.29 -14.14
C ASN C 54 -25.49 -19.73 -12.78
N ALA C 55 -25.34 -20.56 -11.74
CA ALA C 55 -25.64 -20.11 -10.37
C ALA C 55 -24.75 -18.97 -9.88
N GLY C 56 -23.65 -18.71 -10.59
CA GLY C 56 -22.73 -17.61 -10.24
C GLY C 56 -23.43 -16.25 -10.26
N LEU C 57 -24.51 -16.16 -11.03
CA LEU C 57 -25.31 -14.93 -11.08
C LEU C 57 -26.13 -14.67 -9.82
N PHE C 58 -26.26 -15.66 -8.93
CA PHE C 58 -26.91 -15.42 -7.63
C PHE C 58 -25.87 -14.70 -6.75
N ASN C 59 -25.72 -13.39 -6.91
CA ASN C 59 -24.62 -12.66 -6.23
C ASN C 59 -24.99 -11.59 -5.20
N THR C 60 -26.15 -11.69 -4.57
CA THR C 60 -26.51 -10.83 -3.46
C THR C 60 -26.93 -11.73 -2.31
N GLY C 61 -26.95 -11.18 -1.09
CA GLY C 61 -27.25 -11.93 0.11
C GLY C 61 -28.58 -12.65 0.13
N ALA C 62 -29.63 -11.99 -0.34
CA ALA C 62 -30.96 -12.61 -0.39
C ALA C 62 -30.96 -13.80 -1.38
N GLN C 63 -30.29 -13.65 -2.53
N GLN C 63 -30.28 -13.64 -2.51
CA GLN C 63 -30.23 -14.71 -3.52
CA GLN C 63 -30.22 -14.69 -3.53
C GLN C 63 -29.42 -15.89 -2.97
C GLN C 63 -29.41 -15.89 -3.01
N LEU C 64 -28.31 -15.59 -2.32
CA LEU C 64 -27.46 -16.66 -1.74
C LEU C 64 -28.19 -17.39 -0.60
N ALA C 65 -28.87 -16.63 0.27
CA ALA C 65 -29.64 -17.23 1.37
C ALA C 65 -30.71 -18.16 0.83
N THR C 66 -31.44 -17.71 -0.18
CA THR C 66 -32.49 -18.51 -0.78
C THR C 66 -31.93 -19.76 -1.47
N LEU C 67 -30.86 -19.61 -2.25
CA LEU C 67 -30.22 -20.79 -2.87
C LEU C 67 -29.79 -21.78 -1.77
N ALA C 68 -29.16 -21.28 -0.70
CA ALA C 68 -28.70 -22.11 0.42
C ALA C 68 -29.88 -22.85 1.05
N ASP C 69 -31.02 -22.18 1.11
CA ASP C 69 -32.24 -22.80 1.66
C ASP C 69 -32.67 -23.96 0.75
N TYR C 70 -32.67 -23.78 -0.57
CA TYR C 70 -32.98 -24.89 -1.48
C TYR C 70 -32.02 -26.09 -1.28
N TYR C 71 -30.72 -25.83 -1.18
CA TYR C 71 -29.78 -26.92 -0.85
C TYR C 71 -30.10 -27.57 0.51
N ALA C 72 -30.35 -26.75 1.53
CA ALA C 72 -30.64 -27.25 2.87
C ALA C 72 -31.87 -28.19 2.90
N GLN C 73 -32.94 -27.77 2.23
CA GLN C 73 -34.14 -28.60 2.13
C GLN C 73 -33.82 -29.95 1.46
N LEU C 74 -32.99 -29.91 0.43
CA LEU C 74 -32.60 -31.13 -0.26
C LEU C 74 -31.79 -32.04 0.66
N ILE C 75 -30.85 -31.45 1.41
CA ILE C 75 -30.02 -32.21 2.34
C ILE C 75 -30.92 -32.86 3.42
N ILE C 76 -31.84 -32.08 3.95
CA ILE C 76 -32.74 -32.57 4.99
C ILE C 76 -33.60 -33.71 4.49
N LYS C 77 -34.23 -33.53 3.33
N LYS C 77 -34.22 -33.51 3.32
CA LYS C 77 -35.13 -34.54 2.77
CA LYS C 77 -35.11 -34.51 2.73
C LYS C 77 -34.44 -35.80 2.26
C LYS C 77 -34.42 -35.80 2.32
N SER C 78 -33.22 -35.69 1.77
CA SER C 78 -32.48 -36.88 1.29
C SER C 78 -32.13 -37.85 2.41
N ASP C 79 -31.92 -37.31 3.60
CA ASP C 79 -31.57 -38.09 4.78
C ASP C 79 -30.27 -38.92 4.57
N VAL C 80 -29.31 -38.37 3.82
CA VAL C 80 -28.02 -39.05 3.65
C VAL C 80 -27.33 -38.98 5.01
N LYS C 81 -26.59 -40.02 5.38
CA LYS C 81 -25.91 -40.05 6.68
C LYS C 81 -24.48 -39.51 6.60
N TYR C 82 -24.19 -38.46 7.37
CA TYR C 82 -22.87 -37.84 7.36
C TYR C 82 -22.64 -37.03 8.64
N ASP C 83 -21.38 -36.69 8.89
CA ASP C 83 -21.00 -35.97 10.09
C ASP C 83 -20.75 -34.49 9.86
N ILE C 84 -20.15 -34.16 8.73
CA ILE C 84 -19.68 -32.82 8.45
C ILE C 84 -19.97 -32.37 7.03
N LEU C 85 -20.38 -31.12 6.87
CA LEU C 85 -20.57 -30.53 5.53
C LEU C 85 -19.21 -30.08 4.98
N PHE C 86 -18.81 -30.58 3.81
CA PHE C 86 -17.52 -30.24 3.24
C PHE C 86 -17.66 -29.38 1.99
N GLY C 87 -17.02 -28.21 1.99
CA GLY C 87 -17.07 -27.27 0.86
C GLY C 87 -15.71 -27.12 0.20
N PRO C 88 -15.50 -27.80 -0.92
CA PRO C 88 -14.19 -27.67 -1.61
C PRO C 88 -14.01 -26.28 -2.24
N ALA C 89 -12.78 -25.77 -2.24
CA ALA C 89 -12.49 -24.47 -2.87
C ALA C 89 -12.68 -24.59 -4.36
N TYR C 90 -13.19 -23.54 -5.05
CA TYR C 90 -13.62 -22.29 -4.42
C TYR C 90 -15.12 -22.24 -4.25
N LYS C 91 -15.89 -22.85 -5.15
CA LYS C 91 -17.35 -22.70 -5.09
C LYS C 91 -18.04 -23.35 -3.92
N GLY C 92 -17.47 -24.43 -3.39
CA GLY C 92 -18.10 -25.11 -2.26
C GLY C 92 -18.00 -24.33 -0.96
N ILE C 93 -17.02 -23.43 -0.86
CA ILE C 93 -16.81 -22.70 0.41
C ILE C 93 -17.95 -21.77 0.78
N PRO C 94 -18.31 -20.82 -0.12
CA PRO C 94 -19.42 -19.95 0.23
C PRO C 94 -20.74 -20.69 0.36
N LEU C 95 -20.95 -21.73 -0.44
CA LEU C 95 -22.18 -22.53 -0.33
C LEU C 95 -22.31 -23.18 1.05
N VAL C 96 -21.24 -23.83 1.51
CA VAL C 96 -21.27 -24.50 2.83
C VAL C 96 -21.44 -23.48 3.96
N ALA C 97 -20.80 -22.33 3.85
CA ALA C 97 -20.94 -21.29 4.87
C ALA C 97 -22.42 -20.81 4.94
N ALA C 98 -23.03 -20.58 3.79
CA ALA C 98 -24.41 -20.10 3.73
C ALA C 98 -25.40 -21.18 4.16
N ILE C 99 -25.19 -22.40 3.67
CA ILE C 99 -26.02 -23.55 4.05
C ILE C 99 -25.93 -23.83 5.53
N SER C 100 -24.72 -23.82 6.10
CA SER C 100 -24.53 -24.05 7.53
C SER C 100 -25.31 -23.03 8.36
N THR C 101 -25.24 -21.78 7.90
CA THR C 101 -25.91 -20.66 8.54
C THR C 101 -27.44 -20.81 8.48
N VAL C 102 -27.98 -21.13 7.30
CA VAL C 102 -29.43 -21.33 7.13
C VAL C 102 -29.94 -22.52 7.97
N LEU C 103 -29.21 -23.62 7.95
CA LEU C 103 -29.58 -24.78 8.76
C LEU C 103 -29.73 -24.41 10.24
N ALA C 104 -28.79 -23.63 10.76
CA ALA C 104 -28.81 -23.22 12.15
C ALA C 104 -29.95 -22.25 12.45
N LEU C 105 -29.98 -21.14 11.72
CA LEU C 105 -30.97 -20.10 11.98
C LEU C 105 -32.41 -20.45 11.64
N LYS C 106 -32.63 -21.21 10.59
CA LYS C 106 -33.99 -21.50 10.15
C LYS C 106 -34.47 -22.91 10.53
N TYR C 107 -33.57 -23.89 10.57
CA TYR C 107 -33.99 -25.25 10.87
C TYR C 107 -33.47 -25.83 12.20
N ASN C 108 -32.82 -25.00 13.02
CA ASN C 108 -32.31 -25.42 14.32
C ASN C 108 -31.36 -26.62 14.24
N ILE C 109 -30.58 -26.69 13.16
CA ILE C 109 -29.65 -27.78 12.94
C ILE C 109 -28.24 -27.16 12.99
N ASP C 110 -27.45 -27.60 13.96
CA ASP C 110 -26.12 -27.09 14.19
C ASP C 110 -25.11 -28.07 13.60
N MET C 111 -24.72 -27.81 12.36
CA MET C 111 -23.90 -28.73 11.61
C MET C 111 -22.43 -28.33 11.52
N PRO C 112 -21.52 -29.24 11.86
CA PRO C 112 -20.11 -28.99 11.67
C PRO C 112 -19.82 -28.81 10.16
N TYR C 113 -18.90 -27.92 9.82
CA TYR C 113 -18.53 -27.68 8.44
C TYR C 113 -17.02 -27.62 8.31
N ALA C 114 -16.52 -27.78 7.08
CA ALA C 114 -15.09 -27.76 6.80
C ALA C 114 -14.83 -27.35 5.37
N PHE C 115 -13.64 -26.78 5.13
CA PHE C 115 -13.24 -26.36 3.82
C PHE C 115 -11.81 -26.81 3.54
N ASP C 116 -11.42 -26.76 2.27
CA ASP C 116 -10.03 -27.01 1.89
C ASP C 116 -9.54 -25.76 1.14
N ARG C 117 -8.32 -25.83 0.59
CA ARG C 117 -7.75 -24.75 -0.23
C ARG C 117 -7.51 -25.37 -1.58
N LYS C 118 -7.52 -24.55 -2.63
CA LYS C 118 -7.37 -25.05 -4.00
C LYS C 118 -5.93 -25.44 -4.35
N GLU C 119 -4.97 -24.73 -3.77
CA GLU C 119 -3.55 -25.01 -4.03
C GLU C 119 -2.72 -24.68 -2.79
N GLY C 127 -2.59 -25.26 7.00
CA GLY C 127 -3.45 -26.44 7.05
C GLY C 127 -4.08 -26.75 5.71
N VAL C 128 -4.21 -28.04 5.40
CA VAL C 128 -4.86 -28.47 4.15
C VAL C 128 -6.35 -28.20 4.31
N PHE C 129 -6.89 -28.56 5.47
CA PHE C 129 -8.29 -28.35 5.77
C PHE C 129 -8.45 -27.40 6.92
N VAL C 130 -9.58 -26.71 6.93
CA VAL C 130 -9.95 -25.80 8.00
C VAL C 130 -11.36 -26.12 8.45
N GLY C 131 -11.75 -25.62 9.61
CA GLY C 131 -13.05 -25.92 10.15
C GLY C 131 -13.01 -27.18 10.99
N ALA C 132 -14.11 -27.92 10.99
CA ALA C 132 -14.26 -29.12 11.82
C ALA C 132 -13.32 -30.22 11.33
N ASP C 133 -12.74 -30.95 12.27
CA ASP C 133 -11.81 -32.04 11.93
C ASP C 133 -12.57 -33.21 11.29
N MET C 134 -12.18 -33.55 10.06
CA MET C 134 -12.82 -34.61 9.25
C MET C 134 -12.15 -35.97 9.38
N THR C 135 -11.09 -36.09 10.18
CA THR C 135 -10.38 -37.34 10.32
C THR C 135 -11.33 -38.44 10.80
N ASN C 136 -11.36 -39.54 10.05
CA ASN C 136 -12.19 -40.71 10.35
C ASN C 136 -13.70 -40.47 10.26
N LYS C 137 -14.10 -39.35 9.64
CA LYS C 137 -15.51 -38.98 9.55
C LYS C 137 -16.11 -39.14 8.15
N LYS C 138 -17.45 -39.01 8.08
CA LYS C 138 -18.19 -39.06 6.82
C LYS C 138 -18.58 -37.63 6.51
N VAL C 139 -18.39 -37.19 5.27
CA VAL C 139 -18.72 -35.81 4.91
C VAL C 139 -19.66 -35.76 3.72
N LEU C 140 -20.42 -34.67 3.62
CA LEU C 140 -21.26 -34.47 2.47
C LEU C 140 -20.58 -33.38 1.68
N LEU C 141 -20.27 -33.66 0.41
CA LEU C 141 -19.56 -32.72 -0.43
C LEU C 141 -20.57 -31.84 -1.16
N ILE C 142 -20.42 -30.53 -0.98
CA ILE C 142 -21.32 -29.54 -1.57
C ILE C 142 -20.59 -28.73 -2.63
N ASP C 143 -21.17 -28.64 -3.82
CA ASP C 143 -20.54 -27.88 -4.88
C ASP C 143 -21.63 -27.29 -5.78
N ASP C 144 -21.18 -26.57 -6.79
CA ASP C 144 -22.07 -25.95 -7.75
C ASP C 144 -22.47 -26.96 -8.85
N VAL C 145 -21.51 -27.34 -9.71
CA VAL C 145 -21.80 -28.29 -10.78
C VAL C 145 -20.71 -29.36 -10.88
N MET C 146 -20.96 -30.38 -11.69
CA MET C 146 -19.98 -31.44 -11.92
C MET C 146 -20.02 -31.76 -13.42
N THR C 147 -19.17 -31.10 -14.21
CA THR C 147 -19.13 -31.34 -15.65
C THR C 147 -18.12 -32.43 -16.04
N ALA C 148 -17.18 -32.71 -15.15
CA ALA C 148 -16.19 -33.78 -15.31
C ALA C 148 -15.94 -34.34 -13.92
N GLY C 149 -15.26 -35.48 -13.82
CA GLY C 149 -14.97 -36.06 -12.52
C GLY C 149 -13.72 -35.55 -11.82
N THR C 150 -12.97 -34.65 -12.48
CA THR C 150 -11.69 -34.12 -11.98
C THR C 150 -11.71 -33.51 -10.59
N ALA C 151 -12.61 -32.58 -10.35
CA ALA C 151 -12.70 -31.94 -9.06
C ALA C 151 -13.08 -32.94 -7.98
N PHE C 152 -14.06 -33.80 -8.25
CA PHE C 152 -14.46 -34.80 -7.27
C PHE C 152 -13.25 -35.64 -6.86
N TYR C 153 -12.46 -36.08 -7.83
CA TYR C 153 -11.24 -36.86 -7.51
C TYR C 153 -10.27 -36.16 -6.62
N GLU C 154 -10.04 -34.87 -6.86
CA GLU C 154 -9.16 -34.05 -6.02
C GLU C 154 -9.59 -34.15 -4.54
N SER C 155 -10.89 -34.00 -4.30
CA SER C 155 -11.40 -34.05 -2.93
C SER C 155 -11.33 -35.46 -2.37
N TYR C 156 -11.81 -36.43 -3.14
CA TYR C 156 -11.78 -37.82 -2.74
C TYR C 156 -10.37 -38.20 -2.26
N ASN C 157 -9.37 -37.83 -3.04
CA ASN C 157 -7.98 -38.16 -2.70
C ASN C 157 -7.39 -37.45 -1.51
N LYS C 158 -7.67 -36.17 -1.37
CA LYS C 158 -7.19 -35.40 -0.24
C LYS C 158 -7.87 -35.88 1.03
N LEU C 159 -9.18 -36.16 0.97
CA LEU C 159 -9.89 -36.65 2.14
C LEU C 159 -9.46 -38.04 2.55
N LYS C 160 -9.21 -38.90 1.58
CA LYS C 160 -8.81 -40.26 1.89
C LYS C 160 -7.52 -40.30 2.72
N ILE C 161 -6.64 -39.33 2.55
CA ILE C 161 -5.41 -39.28 3.33
C ILE C 161 -5.70 -39.21 4.85
N ILE C 162 -6.81 -38.57 5.24
CA ILE C 162 -7.19 -38.47 6.65
C ILE C 162 -8.35 -39.38 7.01
N ASN C 163 -8.53 -40.45 6.22
CA ASN C 163 -9.56 -41.44 6.44
C ASN C 163 -10.97 -40.85 6.49
N ALA C 164 -11.20 -39.79 5.72
CA ALA C 164 -12.52 -39.15 5.63
C ALA C 164 -13.22 -39.71 4.38
N LYS C 165 -14.49 -40.08 4.53
N LYS C 165 -14.49 -40.05 4.53
CA LYS C 165 -15.26 -40.65 3.45
CA LYS C 165 -15.27 -40.64 3.46
C LYS C 165 -16.33 -39.70 2.92
C LYS C 165 -16.33 -39.68 2.93
N ILE C 166 -16.46 -39.62 1.60
CA ILE C 166 -17.50 -38.79 0.98
C ILE C 166 -18.75 -39.66 0.94
N ALA C 167 -19.77 -39.24 1.68
CA ALA C 167 -21.06 -39.97 1.78
C ALA C 167 -22.06 -39.58 0.70
N GLY C 168 -21.77 -38.48 0.03
CA GLY C 168 -22.64 -37.97 -1.01
C GLY C 168 -22.22 -36.61 -1.52
N VAL C 169 -22.87 -36.20 -2.61
CA VAL C 169 -22.59 -34.93 -3.26
C VAL C 169 -23.91 -34.17 -3.48
N VAL C 170 -23.88 -32.86 -3.27
CA VAL C 170 -25.07 -32.03 -3.52
C VAL C 170 -24.64 -30.88 -4.42
N LEU C 171 -25.34 -30.73 -5.53
CA LEU C 171 -25.08 -29.75 -6.54
C LEU C 171 -26.28 -28.83 -6.80
N SER C 172 -26.07 -27.76 -7.55
CA SER C 172 -27.17 -26.84 -7.87
C SER C 172 -27.96 -27.42 -9.03
N ILE C 173 -27.26 -28.03 -10.00
CA ILE C 173 -27.92 -28.61 -11.16
C ILE C 173 -27.21 -29.86 -11.65
N ASP C 174 -28.00 -30.83 -12.10
CA ASP C 174 -27.49 -32.02 -12.80
C ASP C 174 -28.08 -31.95 -14.22
N ARG C 175 -27.25 -31.65 -15.21
CA ARG C 175 -27.72 -31.52 -16.59
C ARG C 175 -28.05 -32.91 -17.19
N GLN C 176 -27.65 -33.97 -16.50
CA GLN C 176 -27.98 -35.34 -16.93
C GLN C 176 -27.60 -35.61 -18.38
N GLU C 177 -26.41 -35.15 -18.77
CA GLU C 177 -25.93 -35.37 -20.11
C GLU C 177 -24.53 -35.95 -20.13
N LYS C 178 -24.22 -36.61 -21.23
CA LYS C 178 -22.96 -37.30 -21.41
C LYS C 178 -21.73 -36.42 -21.20
N ALA C 179 -20.77 -36.94 -20.45
CA ALA C 179 -19.52 -36.25 -20.24
C ALA C 179 -18.68 -36.42 -21.51
N LYS C 180 -17.56 -35.73 -21.60
CA LYS C 180 -16.70 -35.83 -22.78
C LYS C 180 -16.20 -37.26 -22.98
N ASP C 181 -16.37 -37.76 -24.21
CA ASP C 181 -15.91 -39.10 -24.62
C ASP C 181 -16.44 -40.20 -23.71
N SER C 182 -17.68 -40.04 -23.25
CA SER C 182 -18.28 -41.01 -22.38
C SER C 182 -19.73 -41.20 -22.78
N ASP C 183 -20.27 -42.37 -22.47
CA ASP C 183 -21.65 -42.67 -22.75
C ASP C 183 -22.58 -42.24 -21.62
N ILE C 184 -22.01 -41.78 -20.50
CA ILE C 184 -22.80 -41.33 -19.38
C ILE C 184 -22.25 -40.01 -18.82
N SER C 185 -23.06 -39.40 -17.97
CA SER C 185 -22.70 -38.14 -17.33
C SER C 185 -21.64 -38.35 -16.26
N ALA C 186 -20.90 -37.29 -15.96
CA ALA C 186 -19.89 -37.32 -14.90
C ALA C 186 -20.55 -37.64 -13.56
N THR C 187 -21.75 -37.09 -13.33
CA THR C 187 -22.50 -37.32 -12.10
C THR C 187 -22.91 -38.80 -11.92
N LYS C 188 -23.41 -39.41 -12.99
CA LYS C 188 -23.85 -40.80 -12.93
C LYS C 188 -22.64 -41.71 -12.69
N LYS C 189 -21.52 -41.40 -13.35
CA LYS C 189 -20.30 -42.19 -13.20
C LYS C 189 -19.78 -42.13 -11.76
N ILE C 190 -19.75 -40.93 -11.17
CA ILE C 190 -19.32 -40.80 -9.78
C ILE C 190 -20.27 -41.57 -8.85
N SER C 191 -21.57 -41.47 -9.10
CA SER C 191 -22.53 -42.14 -8.27
C SER C 191 -22.32 -43.67 -8.32
N GLN C 192 -22.10 -44.21 -9.51
CA GLN C 192 -21.86 -45.65 -9.68
C GLN C 192 -20.50 -46.07 -9.13
N ASP C 193 -19.44 -45.37 -9.52
CA ASP C 193 -18.08 -45.76 -9.15
C ASP C 193 -17.71 -45.58 -7.68
N PHE C 194 -18.43 -44.69 -6.99
CA PHE C 194 -18.19 -44.44 -5.59
C PHE C 194 -19.35 -44.85 -4.69
N ASN C 195 -20.40 -45.39 -5.32
CA ASN C 195 -21.55 -45.92 -4.60
C ASN C 195 -22.16 -44.93 -3.60
N ILE C 196 -22.44 -43.71 -4.08
CA ILE C 196 -23.01 -42.67 -3.26
C ILE C 196 -24.06 -41.88 -4.04
N PRO C 197 -24.97 -41.22 -3.32
CA PRO C 197 -25.93 -40.39 -4.05
C PRO C 197 -25.31 -39.09 -4.54
N VAL C 198 -25.70 -38.66 -5.74
CA VAL C 198 -25.27 -37.36 -6.30
C VAL C 198 -26.59 -36.64 -6.55
N LEU C 199 -26.91 -35.74 -5.62
CA LEU C 199 -28.17 -35.02 -5.60
C LEU C 199 -28.00 -33.64 -6.22
N ALA C 200 -29.11 -33.05 -6.66
CA ALA C 200 -29.06 -31.71 -7.24
C ALA C 200 -30.35 -30.94 -7.00
N VAL C 201 -30.21 -29.65 -6.76
CA VAL C 201 -31.39 -28.79 -6.52
C VAL C 201 -32.37 -28.89 -7.71
N THR C 202 -31.84 -28.83 -8.92
CA THR C 202 -32.65 -28.99 -10.11
C THR C 202 -31.87 -29.85 -11.11
N ASN C 203 -32.56 -30.27 -12.15
CA ASN C 203 -31.97 -31.11 -13.17
C ASN C 203 -32.68 -30.96 -14.51
N PHE C 204 -32.16 -31.60 -15.54
CA PHE C 204 -32.76 -31.52 -16.88
C PHE C 204 -34.22 -31.99 -16.88
N GLU C 205 -34.48 -33.13 -16.24
CA GLU C 205 -35.86 -33.65 -16.14
C GLU C 205 -36.84 -32.58 -15.62
N SER C 206 -36.49 -31.90 -14.53
CA SER C 206 -37.39 -30.87 -13.95
C SER C 206 -37.54 -29.66 -14.83
N ILE C 207 -36.43 -29.21 -15.41
CA ILE C 207 -36.46 -28.09 -16.34
C ILE C 207 -37.34 -28.45 -17.56
N PHE C 208 -37.17 -29.65 -18.08
CA PHE C 208 -37.93 -30.11 -19.24
C PHE C 208 -39.44 -30.16 -18.89
N GLU C 209 -39.78 -30.63 -17.69
CA GLU C 209 -41.19 -30.63 -17.26
C GLU C 209 -41.74 -29.20 -17.30
N TYR C 210 -40.97 -28.25 -16.77
CA TYR C 210 -41.35 -26.84 -16.81
C TYR C 210 -41.54 -26.35 -18.26
N VAL C 211 -40.63 -26.76 -19.15
CA VAL C 211 -40.72 -26.35 -20.56
C VAL C 211 -42.02 -26.85 -21.21
N LYS C 212 -42.36 -28.10 -20.94
CA LYS C 212 -43.57 -28.68 -21.48
C LYS C 212 -44.82 -27.97 -20.98
N GLU C 213 -44.81 -27.57 -19.71
CA GLU C 213 -45.96 -26.89 -19.12
C GLU C 213 -46.08 -25.42 -19.48
N ASN C 214 -44.99 -24.74 -19.78
CA ASN C 214 -45.05 -23.31 -20.03
C ASN C 214 -44.60 -22.78 -21.38
N LEU C 215 -43.75 -23.50 -22.10
CA LEU C 215 -43.21 -22.96 -23.35
C LEU C 215 -43.79 -23.51 -24.65
N ASP C 216 -43.42 -22.88 -25.76
CA ASP C 216 -43.95 -23.24 -27.07
C ASP C 216 -43.41 -24.57 -27.60
N GLU C 217 -44.10 -25.06 -28.61
CA GLU C 217 -43.81 -26.34 -29.24
C GLU C 217 -42.40 -26.40 -29.84
N THR C 218 -41.89 -25.26 -30.30
CA THR C 218 -40.56 -25.22 -30.89
C THR C 218 -39.49 -25.50 -29.81
N MET C 219 -39.65 -24.88 -28.66
CA MET C 219 -38.74 -25.07 -27.52
C MET C 219 -38.85 -26.48 -26.96
N ILE C 220 -40.07 -26.99 -26.88
CA ILE C 220 -40.29 -28.35 -26.41
C ILE C 220 -39.54 -29.33 -27.29
N ASP C 221 -39.61 -29.11 -28.61
CA ASP C 221 -38.94 -29.99 -29.56
C ASP C 221 -37.41 -29.88 -29.46
N LYS C 222 -36.90 -28.67 -29.23
CA LYS C 222 -35.47 -28.45 -29.05
C LYS C 222 -34.97 -29.28 -27.86
N PHE C 223 -35.72 -29.24 -26.76
CA PHE C 223 -35.37 -30.05 -25.60
C PHE C 223 -35.39 -31.55 -25.90
N LYS C 224 -36.41 -32.01 -26.62
CA LYS C 224 -36.51 -33.43 -26.95
C LYS C 224 -35.32 -33.89 -27.77
N GLN C 225 -34.98 -33.10 -28.79
CA GLN C 225 -33.85 -33.39 -29.67
C GLN C 225 -32.53 -33.41 -28.91
N TYR C 226 -32.36 -32.46 -27.99
CA TYR C 226 -31.12 -32.38 -27.20
C TYR C 226 -30.97 -33.63 -26.33
N ARG C 227 -32.06 -34.03 -25.68
N ARG C 227 -32.06 -34.02 -25.65
CA ARG C 227 -32.04 -35.21 -24.83
CA ARG C 227 -32.03 -35.23 -24.82
C ARG C 227 -31.73 -36.50 -25.60
C ARG C 227 -31.66 -36.45 -25.66
N GLN C 228 -32.28 -36.66 -26.81
N GLN C 228 -32.32 -36.61 -26.79
CA GLN C 228 -32.01 -37.88 -27.56
CA GLN C 228 -32.06 -37.74 -27.69
C GLN C 228 -30.56 -37.92 -28.04
C GLN C 228 -30.59 -37.88 -27.98
N LYS C 229 -29.94 -36.77 -28.30
CA LYS C 229 -28.54 -36.76 -28.69
C LYS C 229 -27.57 -36.87 -27.53
N TYR C 230 -27.85 -36.15 -26.45
CA TYR C 230 -26.88 -36.04 -25.38
C TYR C 230 -27.27 -36.50 -23.99
N GLY C 231 -28.53 -36.85 -23.81
CA GLY C 231 -29.02 -37.27 -22.51
C GLY C 231 -28.36 -38.55 -22.01
N SER C 232 -28.19 -38.64 -20.69
CA SER C 232 -27.60 -39.81 -20.05
C SER C 232 -28.63 -40.48 -19.13
N THR D 15 -36.98 -15.48 7.96
CA THR D 15 -36.94 -14.14 8.63
C THR D 15 -37.46 -14.16 10.08
N GLU D 16 -38.22 -15.19 10.43
CA GLU D 16 -38.75 -15.41 11.80
C GLU D 16 -39.65 -16.64 11.86
N ASN D 17 -39.59 -17.42 12.94
CA ASN D 17 -38.73 -17.16 14.08
C ASN D 17 -37.44 -17.96 13.95
N LEU D 18 -36.31 -17.30 14.21
CA LEU D 18 -35.00 -17.92 14.07
C LEU D 18 -34.49 -18.55 15.36
N TYR D 19 -33.61 -19.54 15.22
CA TYR D 19 -33.02 -20.25 16.35
C TYR D 19 -31.63 -19.69 16.70
N PHE D 20 -31.09 -20.17 17.81
CA PHE D 20 -29.78 -19.76 18.32
C PHE D 20 -29.68 -18.23 18.44
N GLN D 21 -30.67 -17.61 19.09
CA GLN D 21 -30.72 -16.16 19.28
C GLN D 21 -30.44 -15.77 20.72
N ALA D 24 -25.93 -12.86 24.85
CA ALA D 24 -25.20 -11.92 25.71
C ALA D 24 -24.10 -11.18 24.90
N MET D 25 -22.88 -11.12 25.43
N MET D 25 -22.88 -11.11 25.44
CA MET D 25 -21.79 -10.43 24.74
CA MET D 25 -21.77 -10.42 24.78
C MET D 25 -20.79 -11.41 24.11
C MET D 25 -20.82 -11.41 24.09
N PHE D 26 -20.04 -10.89 23.14
CA PHE D 26 -19.10 -11.68 22.36
C PHE D 26 -17.98 -12.40 23.13
N ILE D 27 -17.41 -11.74 24.14
CA ILE D 27 -16.35 -12.36 24.92
C ILE D 27 -16.85 -13.67 25.56
N GLU D 28 -18.06 -13.65 26.13
N GLU D 28 -18.06 -13.63 26.11
CA GLU D 28 -18.62 -14.87 26.74
CA GLU D 28 -18.66 -14.82 26.75
C GLU D 28 -18.76 -15.93 25.68
C GLU D 28 -18.90 -15.93 25.73
N PHE D 29 -19.28 -15.53 24.52
CA PHE D 29 -19.50 -16.46 23.39
C PHE D 29 -18.17 -17.07 22.96
N ALA D 30 -17.13 -16.24 22.86
CA ALA D 30 -15.78 -16.68 22.51
C ALA D 30 -15.19 -17.57 23.59
N LEU D 31 -15.40 -17.21 24.85
CA LEU D 31 -14.87 -17.99 25.97
C LEU D 31 -15.56 -19.36 26.02
N LYS D 32 -16.90 -19.35 25.92
CA LYS D 32 -17.68 -20.59 25.94
C LYS D 32 -17.19 -21.59 24.89
N ASN D 33 -16.84 -21.09 23.72
CA ASN D 33 -16.42 -21.95 22.61
C ASN D 33 -14.93 -22.20 22.40
N GLN D 34 -14.11 -21.84 23.37
CA GLN D 34 -12.65 -22.06 23.32
C GLN D 34 -11.88 -21.20 22.31
N VAL D 35 -12.54 -20.17 21.75
CA VAL D 35 -11.91 -19.25 20.77
C VAL D 35 -10.94 -18.28 21.46
N LEU D 36 -11.35 -17.79 22.64
CA LEU D 36 -10.50 -16.92 23.48
C LEU D 36 -9.95 -17.74 24.67
N LYS D 37 -8.65 -17.62 24.96
CA LYS D 37 -8.03 -18.32 26.10
C LYS D 37 -7.02 -17.43 26.81
N PHE D 38 -6.98 -17.53 28.14
CA PHE D 38 -6.04 -16.75 28.95
C PHE D 38 -4.94 -17.64 29.50
N GLY D 39 -3.75 -17.07 29.68
CA GLY D 39 -2.62 -17.82 30.20
C GLY D 39 -1.29 -17.29 29.74
N GLU D 40 -0.48 -18.17 29.15
CA GLU D 40 0.84 -17.82 28.63
C GLU D 40 1.08 -18.53 27.31
N PHE D 41 0.91 -17.79 26.22
CA PHE D 41 1.06 -18.35 24.90
C PHE D 41 2.21 -17.69 24.20
N THR D 42 2.94 -18.47 23.42
CA THR D 42 4.06 -17.97 22.63
C THR D 42 3.61 -17.81 21.18
N LEU D 43 3.38 -16.56 20.77
CA LEU D 43 2.94 -16.26 19.41
C LEU D 43 4.02 -16.63 18.42
N LYS D 44 3.66 -16.69 17.13
CA LYS D 44 4.61 -17.04 16.07
C LYS D 44 5.82 -16.13 16.12
N SER D 45 5.57 -14.82 16.20
CA SER D 45 6.64 -13.84 16.26
C SER D 45 7.69 -14.22 17.32
N GLY D 46 7.21 -14.64 18.49
CA GLY D 46 8.07 -15.01 19.60
C GLY D 46 7.64 -14.32 20.89
N ARG D 47 6.69 -13.38 20.77
CA ARG D 47 6.18 -12.66 21.91
C ARG D 47 5.38 -13.59 22.82
N ILE D 48 5.44 -13.34 24.12
CA ILE D 48 4.70 -14.12 25.12
C ILE D 48 3.44 -13.36 25.52
N SER D 49 2.31 -13.81 24.99
CA SER D 49 1.03 -13.17 25.21
C SER D 49 0.23 -13.84 26.32
N PRO D 50 -0.50 -13.03 27.11
CA PRO D 50 -1.39 -13.53 28.15
C PRO D 50 -2.74 -14.03 27.62
N TYR D 51 -2.98 -13.90 26.31
CA TYR D 51 -4.22 -14.39 25.74
C TYR D 51 -4.05 -14.87 24.31
N PHE D 52 -4.98 -15.72 23.90
CA PHE D 52 -4.96 -16.32 22.58
C PHE D 52 -6.36 -16.27 22.01
N PHE D 53 -6.46 -15.96 20.73
CA PHE D 53 -7.74 -15.84 20.08
C PHE D 53 -7.66 -16.48 18.71
N ASN D 54 -8.62 -17.35 18.39
CA ASN D 54 -8.64 -18.05 17.08
C ASN D 54 -10.09 -18.33 16.67
N ALA D 55 -10.66 -17.42 15.90
CA ALA D 55 -12.03 -17.57 15.42
C ALA D 55 -12.18 -18.83 14.54
N GLY D 56 -11.05 -19.39 14.11
CA GLY D 56 -11.07 -20.63 13.31
C GLY D 56 -11.84 -21.74 14.04
N LEU D 57 -11.82 -21.70 15.37
CA LEU D 57 -12.51 -22.72 16.19
C LEU D 57 -14.06 -22.66 16.16
N PHE D 58 -14.64 -21.60 15.63
CA PHE D 58 -16.10 -21.53 15.49
C PHE D 58 -16.49 -22.39 14.27
N ASN D 59 -16.42 -23.71 14.42
CA ASN D 59 -16.58 -24.68 13.30
C ASN D 59 -17.89 -25.44 13.12
N THR D 60 -18.97 -24.91 13.65
CA THR D 60 -20.29 -25.48 13.41
C THR D 60 -21.18 -24.33 12.93
N GLY D 61 -22.24 -24.67 12.22
CA GLY D 61 -23.17 -23.68 11.65
C GLY D 61 -23.72 -22.68 12.63
N ALA D 62 -24.10 -23.15 13.82
CA ALA D 62 -24.61 -22.24 14.85
C ALA D 62 -23.55 -21.23 15.29
N GLN D 63 -22.30 -21.67 15.44
CA GLN D 63 -21.21 -20.78 15.82
C GLN D 63 -20.90 -19.76 14.72
N LEU D 64 -20.88 -20.21 13.46
CA LEU D 64 -20.62 -19.33 12.32
C LEU D 64 -21.73 -18.32 12.15
N ALA D 65 -22.97 -18.77 12.25
CA ALA D 65 -24.11 -17.87 12.15
C ALA D 65 -24.03 -16.77 13.22
N THR D 66 -23.73 -17.16 14.45
CA THR D 66 -23.60 -16.20 15.55
C THR D 66 -22.42 -15.23 15.32
N LEU D 67 -21.25 -15.75 14.95
CA LEU D 67 -20.11 -14.90 14.61
C LEU D 67 -20.50 -13.89 13.52
N ALA D 68 -21.13 -14.38 12.46
CA ALA D 68 -21.57 -13.53 11.35
C ALA D 68 -22.53 -12.45 11.83
N ASP D 69 -23.36 -12.79 12.81
CA ASP D 69 -24.34 -11.84 13.37
C ASP D 69 -23.59 -10.72 14.11
N TYR D 70 -22.55 -11.06 14.87
CA TYR D 70 -21.73 -10.04 15.53
C TYR D 70 -21.05 -9.14 14.48
N TYR D 71 -20.62 -9.72 13.37
CA TYR D 71 -20.03 -8.90 12.31
C TYR D 71 -21.10 -8.00 11.72
N ALA D 72 -22.27 -8.57 11.41
CA ALA D 72 -23.37 -7.79 10.81
C ALA D 72 -23.81 -6.60 11.69
N GLN D 73 -23.88 -6.83 13.00
CA GLN D 73 -24.25 -5.77 13.96
C GLN D 73 -23.23 -4.63 13.99
N LEU D 74 -21.95 -4.98 13.92
CA LEU D 74 -20.89 -3.99 13.88
C LEU D 74 -21.00 -3.18 12.58
N ILE D 75 -21.18 -3.88 11.47
CA ILE D 75 -21.33 -3.20 10.17
C ILE D 75 -22.50 -2.24 10.18
N ILE D 76 -23.63 -2.71 10.69
CA ILE D 76 -24.83 -1.88 10.78
C ILE D 76 -24.60 -0.70 11.73
N LYS D 77 -24.09 -0.97 12.93
CA LYS D 77 -23.87 0.10 13.95
C LYS D 77 -22.84 1.16 13.53
N SER D 78 -21.75 0.73 12.92
CA SER D 78 -20.68 1.64 12.50
C SER D 78 -21.13 2.62 11.43
N ASP D 79 -22.19 2.25 10.72
CA ASP D 79 -22.78 3.03 9.66
C ASP D 79 -21.82 3.31 8.50
N VAL D 80 -20.82 2.43 8.33
CA VAL D 80 -19.86 2.60 7.24
C VAL D 80 -20.60 2.42 5.91
N LYS D 81 -20.34 3.30 4.95
CA LYS D 81 -21.02 3.28 3.66
C LYS D 81 -20.23 2.52 2.58
N TYR D 82 -20.90 1.60 1.90
CA TYR D 82 -20.23 0.78 0.88
C TYR D 82 -21.28 0.18 -0.02
N ASP D 83 -20.88 -0.39 -1.14
CA ASP D 83 -21.80 -0.99 -2.08
C ASP D 83 -21.81 -2.53 -2.01
N ILE D 84 -20.63 -3.11 -1.81
CA ILE D 84 -20.46 -4.57 -1.88
C ILE D 84 -19.59 -5.12 -0.74
N LEU D 85 -19.97 -6.27 -0.20
CA LEU D 85 -19.14 -6.93 0.81
C LEU D 85 -18.08 -7.74 0.03
N PHE D 86 -16.81 -7.50 0.33
CA PHE D 86 -15.73 -8.18 -0.36
C PHE D 86 -15.00 -9.11 0.60
N GLY D 87 -14.92 -10.38 0.25
CA GLY D 87 -14.26 -11.38 1.11
C GLY D 87 -13.04 -11.95 0.39
N PRO D 88 -11.84 -11.56 0.84
CA PRO D 88 -10.63 -12.09 0.21
C PRO D 88 -10.42 -13.56 0.58
N ALA D 89 -9.85 -14.33 -0.33
CA ALA D 89 -9.55 -15.74 -0.03
C ALA D 89 -8.42 -15.81 1.01
N TYR D 90 -8.45 -16.75 1.96
CA TYR D 90 -9.49 -17.73 2.09
C TYR D 90 -10.50 -17.44 3.18
N LYS D 91 -10.07 -16.77 4.25
CA LYS D 91 -10.93 -16.52 5.42
C LYS D 91 -12.11 -15.60 5.18
N GLY D 92 -11.92 -14.61 4.31
CA GLY D 92 -13.00 -13.66 4.02
C GLY D 92 -14.20 -14.25 3.30
N ILE D 93 -13.98 -15.32 2.55
CA ILE D 93 -15.01 -15.94 1.74
C ILE D 93 -16.17 -16.53 2.55
N PRO D 94 -15.91 -17.48 3.49
CA PRO D 94 -17.03 -17.98 4.27
C PRO D 94 -17.66 -16.90 5.17
N LEU D 95 -16.86 -15.93 5.62
CA LEU D 95 -17.37 -14.85 6.46
C LEU D 95 -18.39 -14.02 5.69
N VAL D 96 -18.01 -13.60 4.49
CA VAL D 96 -18.90 -12.81 3.64
C VAL D 96 -20.16 -13.59 3.24
N ALA D 97 -20.01 -14.88 2.94
CA ALA D 97 -21.20 -15.67 2.61
C ALA D 97 -22.17 -15.73 3.80
N ALA D 98 -21.63 -15.98 4.98
CA ALA D 98 -22.46 -16.10 6.21
C ALA D 98 -23.05 -14.76 6.63
N ILE D 99 -22.23 -13.71 6.55
CA ILE D 99 -22.70 -12.36 6.89
C ILE D 99 -23.81 -11.90 5.96
N SER D 100 -23.63 -12.10 4.66
N SER D 100 -23.64 -12.10 4.65
CA SER D 100 -24.64 -11.72 3.68
CA SER D 100 -24.66 -11.70 3.66
C SER D 100 -25.95 -12.47 3.94
C SER D 100 -25.94 -12.51 3.83
N THR D 101 -25.81 -13.74 4.33
CA THR D 101 -26.95 -14.60 4.59
C THR D 101 -27.71 -14.09 5.83
N VAL D 102 -26.98 -13.81 6.90
CA VAL D 102 -27.57 -13.26 8.15
C VAL D 102 -28.24 -11.91 7.87
N LEU D 103 -27.59 -11.04 7.09
CA LEU D 103 -28.17 -9.73 6.75
C LEU D 103 -29.53 -9.87 6.08
N ALA D 104 -29.66 -10.85 5.20
CA ALA D 104 -30.91 -11.05 4.47
C ALA D 104 -31.98 -11.68 5.35
N LEU D 105 -31.64 -12.79 5.99
CA LEU D 105 -32.60 -13.51 6.83
C LEU D 105 -33.03 -12.80 8.10
N LYS D 106 -32.07 -12.28 8.84
CA LYS D 106 -32.37 -11.64 10.12
C LYS D 106 -32.66 -10.15 10.04
N TYR D 107 -31.94 -9.41 9.19
CA TYR D 107 -32.09 -7.95 9.12
C TYR D 107 -32.79 -7.39 7.87
N ASN D 108 -33.27 -8.27 7.00
CA ASN D 108 -33.95 -7.86 5.79
C ASN D 108 -33.11 -6.92 4.93
N ILE D 109 -31.80 -7.12 4.93
CA ILE D 109 -30.87 -6.33 4.13
C ILE D 109 -30.28 -7.24 3.04
N ASP D 110 -30.46 -6.85 1.79
CA ASP D 110 -30.00 -7.64 0.64
C ASP D 110 -28.73 -6.99 0.08
N MET D 111 -27.57 -7.50 0.49
CA MET D 111 -26.29 -6.92 0.10
C MET D 111 -25.55 -7.73 -0.96
N PRO D 112 -25.02 -7.06 -2.00
CA PRO D 112 -24.18 -7.74 -2.99
C PRO D 112 -22.87 -8.16 -2.35
N TYR D 113 -22.30 -9.26 -2.83
CA TYR D 113 -21.04 -9.73 -2.27
C TYR D 113 -20.12 -10.18 -3.39
N ALA D 114 -18.85 -10.26 -3.07
CA ALA D 114 -17.85 -10.70 -4.04
C ALA D 114 -16.67 -11.31 -3.34
N PHE D 115 -15.94 -12.14 -4.07
CA PHE D 115 -14.78 -12.80 -3.56
C PHE D 115 -13.67 -12.75 -4.61
N ASP D 116 -12.45 -13.01 -4.17
CA ASP D 116 -11.35 -13.21 -5.11
C ASP D 116 -10.83 -14.64 -4.99
N ARG D 117 -9.74 -14.93 -5.70
CA ARG D 117 -9.05 -16.21 -5.63
C ARG D 117 -7.64 -15.88 -5.12
N LYS D 118 -7.05 -16.82 -4.39
CA LYS D 118 -5.74 -16.62 -3.76
C LYS D 118 -4.62 -16.50 -4.78
N GLU D 119 -4.73 -17.27 -5.85
CA GLU D 119 -3.74 -17.28 -6.94
C GLU D 119 -3.15 -15.90 -7.25
N GLY D 127 -12.01 -13.89 -14.49
CA GLY D 127 -10.99 -14.71 -13.83
C GLY D 127 -10.61 -14.32 -12.40
N VAL D 128 -10.22 -13.08 -12.18
CA VAL D 128 -9.77 -12.61 -10.84
C VAL D 128 -10.90 -12.56 -9.77
N PHE D 129 -12.07 -12.01 -10.09
CA PHE D 129 -13.12 -11.89 -9.08
C PHE D 129 -14.38 -12.66 -9.42
N VAL D 130 -15.15 -13.00 -8.39
CA VAL D 130 -16.43 -13.66 -8.60
C VAL D 130 -17.48 -12.94 -7.77
N GLY D 131 -18.74 -13.15 -8.12
CA GLY D 131 -19.85 -12.50 -7.42
C GLY D 131 -20.20 -11.20 -8.12
N ALA D 132 -20.74 -10.26 -7.36
CA ALA D 132 -21.14 -8.96 -7.90
C ALA D 132 -19.94 -8.19 -8.47
N ASP D 133 -20.19 -7.48 -9.57
CA ASP D 133 -19.17 -6.68 -10.24
C ASP D 133 -18.78 -5.48 -9.35
N MET D 134 -17.51 -5.40 -8.98
CA MET D 134 -17.02 -4.33 -8.09
C MET D 134 -16.45 -3.10 -8.81
N THR D 135 -16.42 -3.13 -10.15
CA THR D 135 -15.88 -2.02 -10.91
C THR D 135 -16.60 -0.71 -10.56
N ASN D 136 -15.80 0.31 -10.24
CA ASN D 136 -16.30 1.64 -9.84
C ASN D 136 -17.17 1.62 -8.60
N LYS D 137 -16.99 0.62 -7.72
CA LYS D 137 -17.79 0.53 -6.50
C LYS D 137 -16.93 0.69 -5.28
N LYS D 138 -17.60 0.91 -4.15
CA LYS D 138 -16.96 0.99 -2.86
C LYS D 138 -17.22 -0.36 -2.19
N VAL D 139 -16.19 -0.97 -1.63
CA VAL D 139 -16.36 -2.26 -1.02
C VAL D 139 -15.89 -2.28 0.44
N LEU D 140 -16.51 -3.14 1.24
CA LEU D 140 -16.14 -3.31 2.61
C LEU D 140 -15.40 -4.64 2.68
N LEU D 141 -14.13 -4.59 3.09
CA LEU D 141 -13.30 -5.78 3.15
C LEU D 141 -13.51 -6.48 4.50
N ILE D 142 -13.93 -7.75 4.44
CA ILE D 142 -14.22 -8.56 5.60
C ILE D 142 -13.17 -9.63 5.73
N ASP D 143 -12.52 -9.72 6.88
CA ASP D 143 -11.51 -10.76 7.08
C ASP D 143 -11.51 -11.20 8.53
N ASP D 144 -10.60 -12.10 8.88
CA ASP D 144 -10.49 -12.62 10.23
C ASP D 144 -9.60 -11.71 11.08
N VAL D 145 -8.32 -11.61 10.72
CA VAL D 145 -7.38 -10.78 11.45
C VAL D 145 -6.48 -10.05 10.46
N MET D 146 -5.72 -9.08 10.97
CA MET D 146 -4.77 -8.32 10.18
C MET D 146 -3.53 -8.14 11.05
N THR D 147 -2.51 -8.95 10.81
CA THR D 147 -1.28 -8.91 11.61
C THR D 147 -0.17 -8.16 10.91
N ALA D 148 -0.33 -7.97 9.60
CA ALA D 148 0.64 -7.22 8.81
C ALA D 148 -0.15 -6.44 7.80
N GLY D 149 0.49 -5.48 7.15
CA GLY D 149 -0.16 -4.70 6.11
C GLY D 149 -0.16 -5.41 4.76
N THR D 150 0.63 -6.49 4.66
CA THR D 150 0.78 -7.27 3.42
C THR D 150 -0.52 -7.74 2.72
N ALA D 151 -1.38 -8.46 3.44
CA ALA D 151 -2.60 -8.98 2.85
C ALA D 151 -3.55 -7.84 2.43
N PHE D 152 -3.59 -6.76 3.20
CA PHE D 152 -4.43 -5.63 2.80
C PHE D 152 -3.94 -5.08 1.46
N TYR D 153 -2.63 -4.91 1.30
CA TYR D 153 -2.10 -4.40 0.04
C TYR D 153 -2.37 -5.31 -1.16
N GLU D 154 -2.40 -6.62 -0.93
CA GLU D 154 -2.74 -7.58 -1.99
C GLU D 154 -4.14 -7.31 -2.53
N SER D 155 -5.09 -7.14 -1.63
CA SER D 155 -6.46 -6.83 -2.02
C SER D 155 -6.51 -5.46 -2.64
N TYR D 156 -5.90 -4.46 -1.97
CA TYR D 156 -5.86 -3.08 -2.51
C TYR D 156 -5.35 -3.04 -3.94
N ASN D 157 -4.21 -3.67 -4.18
CA ASN D 157 -3.61 -3.67 -5.51
C ASN D 157 -4.47 -4.30 -6.59
N LYS D 158 -5.14 -5.42 -6.26
CA LYS D 158 -6.04 -6.09 -7.20
C LYS D 158 -7.30 -5.28 -7.46
N LEU D 159 -7.86 -4.68 -6.41
CA LEU D 159 -9.08 -3.92 -6.55
C LEU D 159 -8.86 -2.57 -7.25
N LYS D 160 -7.69 -1.97 -7.05
CA LYS D 160 -7.39 -0.67 -7.64
C LYS D 160 -7.40 -0.76 -9.17
N ILE D 161 -6.97 -1.92 -9.71
CA ILE D 161 -6.96 -2.16 -11.17
C ILE D 161 -8.35 -2.04 -11.81
N ILE D 162 -9.40 -2.41 -11.08
CA ILE D 162 -10.79 -2.29 -11.57
C ILE D 162 -11.52 -1.09 -10.94
N ASN D 163 -10.76 -0.16 -10.36
CA ASN D 163 -11.28 1.03 -9.70
C ASN D 163 -12.35 0.76 -8.63
N ALA D 164 -12.09 -0.26 -7.81
CA ALA D 164 -12.95 -0.62 -6.70
C ALA D 164 -12.25 -0.06 -5.47
N LYS D 165 -12.93 0.80 -4.73
CA LYS D 165 -12.33 1.43 -3.55
C LYS D 165 -12.69 0.69 -2.26
N ILE D 166 -11.70 0.42 -1.42
CA ILE D 166 -11.97 -0.20 -0.12
C ILE D 166 -12.44 0.89 0.82
N ALA D 167 -13.68 0.79 1.27
CA ALA D 167 -14.27 1.83 2.14
C ALA D 167 -14.04 1.58 3.62
N GLY D 168 -13.62 0.36 3.94
CA GLY D 168 -13.36 -0.03 5.31
C GLY D 168 -13.00 -1.49 5.45
N VAL D 169 -12.59 -1.87 6.66
CA VAL D 169 -12.20 -3.23 6.96
C VAL D 169 -12.91 -3.65 8.24
N VAL D 170 -13.43 -4.88 8.27
CA VAL D 170 -14.08 -5.40 9.49
C VAL D 170 -13.40 -6.72 9.82
N LEU D 171 -12.90 -6.86 11.05
CA LEU D 171 -12.19 -8.05 11.51
C LEU D 171 -12.84 -8.68 12.74
N SER D 172 -12.44 -9.90 13.08
CA SER D 172 -12.96 -10.56 14.29
C SER D 172 -12.29 -9.92 15.51
N ILE D 173 -10.99 -9.65 15.40
CA ILE D 173 -10.22 -9.03 16.50
C ILE D 173 -9.13 -8.09 16.06
N ASP D 174 -8.99 -7.01 16.83
CA ASP D 174 -7.91 -6.05 16.68
C ASP D 174 -7.08 -6.17 17.96
N ARG D 175 -5.91 -6.78 17.87
CA ARG D 175 -5.06 -6.97 19.05
C ARG D 175 -4.41 -5.66 19.49
N GLN D 176 -4.52 -4.61 18.67
CA GLN D 176 -4.00 -3.27 19.02
C GLN D 176 -2.56 -3.36 19.52
N GLU D 177 -1.74 -4.07 18.76
CA GLU D 177 -0.37 -4.36 19.14
C GLU D 177 0.58 -4.01 17.99
N LYS D 178 1.81 -3.63 18.34
CA LYS D 178 2.79 -3.22 17.32
C LYS D 178 3.06 -4.31 16.30
N ALA D 179 3.06 -3.90 15.03
CA ALA D 179 3.38 -4.81 13.95
C ALA D 179 4.87 -5.15 14.07
N LYS D 180 5.31 -6.17 13.36
CA LYS D 180 6.70 -6.62 13.47
C LYS D 180 7.62 -5.51 12.95
N ASP D 181 8.63 -5.19 13.75
CA ASP D 181 9.60 -4.13 13.42
C ASP D 181 8.92 -2.80 13.04
N SER D 182 7.90 -2.41 13.83
CA SER D 182 7.18 -1.14 13.64
C SER D 182 6.75 -0.54 14.99
N ASP D 183 6.36 0.73 14.95
N ASP D 183 6.35 0.73 14.96
CA ASP D 183 5.94 1.48 16.13
CA ASP D 183 5.95 1.46 16.18
C ASP D 183 4.46 1.36 16.47
C ASP D 183 4.45 1.34 16.49
N ILE D 184 3.65 1.01 15.48
CA ILE D 184 2.21 0.88 15.65
C ILE D 184 1.68 -0.38 14.97
N SER D 185 0.42 -0.67 15.26
CA SER D 185 -0.25 -1.84 14.73
C SER D 185 -0.48 -1.69 13.23
N ALA D 186 -0.57 -2.83 12.55
CA ALA D 186 -0.86 -2.87 11.14
C ALA D 186 -2.25 -2.28 10.87
N THR D 187 -3.20 -2.56 11.74
CA THR D 187 -4.59 -2.03 11.59
C THR D 187 -4.60 -0.51 11.69
N LYS D 188 -3.84 0.04 12.64
CA LYS D 188 -3.84 1.49 12.79
C LYS D 188 -3.17 2.14 11.58
N LYS D 189 -2.06 1.56 11.14
CA LYS D 189 -1.33 2.07 9.98
C LYS D 189 -2.20 2.10 8.72
N ILE D 190 -2.97 1.03 8.49
CA ILE D 190 -3.88 0.97 7.34
C ILE D 190 -4.99 1.99 7.46
N SER D 191 -5.59 2.08 8.63
CA SER D 191 -6.65 3.02 8.86
C SER D 191 -6.19 4.46 8.59
N GLN D 192 -4.98 4.77 9.06
CA GLN D 192 -4.42 6.11 8.88
C GLN D 192 -3.99 6.38 7.45
N ASP D 193 -3.19 5.46 6.89
CA ASP D 193 -2.67 5.64 5.55
C ASP D 193 -3.73 5.72 4.46
N PHE D 194 -4.79 4.92 4.59
CA PHE D 194 -5.87 4.85 3.61
C PHE D 194 -7.10 5.66 3.98
N ASN D 195 -7.08 6.23 5.20
N ASN D 195 -7.10 6.18 5.21
CA ASN D 195 -8.21 7.02 5.71
CA ASN D 195 -8.18 7.03 5.69
C ASN D 195 -9.55 6.31 5.64
C ASN D 195 -9.56 6.35 5.73
N ILE D 196 -9.57 5.12 6.23
CA ILE D 196 -10.77 4.32 6.31
C ILE D 196 -10.87 3.67 7.69
N PRO D 197 -12.08 3.34 8.13
CA PRO D 197 -12.20 2.66 9.42
C PRO D 197 -11.77 1.20 9.34
N VAL D 198 -11.08 0.76 10.38
CA VAL D 198 -10.68 -0.64 10.52
C VAL D 198 -11.36 -1.07 11.83
N LEU D 199 -12.48 -1.76 11.66
CA LEU D 199 -13.35 -2.19 12.76
C LEU D 199 -13.13 -3.64 13.15
N ALA D 200 -13.47 -3.97 14.39
CA ALA D 200 -13.30 -5.35 14.86
C ALA D 200 -14.39 -5.74 15.83
N VAL D 201 -14.84 -6.99 15.74
CA VAL D 201 -15.88 -7.47 16.61
C VAL D 201 -15.42 -7.34 18.09
N THR D 202 -14.15 -7.59 18.33
CA THR D 202 -13.55 -7.40 19.66
C THR D 202 -12.13 -6.85 19.51
N ASN D 203 -11.54 -6.43 20.63
CA ASN D 203 -10.20 -5.88 20.62
C ASN D 203 -9.51 -6.01 21.98
N PHE D 204 -8.20 -5.77 22.00
CA PHE D 204 -7.42 -5.89 23.23
C PHE D 204 -8.00 -5.10 24.39
N GLU D 205 -8.50 -3.91 24.12
CA GLU D 205 -9.09 -3.06 25.15
C GLU D 205 -10.29 -3.71 25.81
N SER D 206 -11.18 -4.30 25.02
CA SER D 206 -12.38 -4.97 25.58
C SER D 206 -11.98 -6.21 26.36
N ILE D 207 -11.06 -6.98 25.82
CA ILE D 207 -10.55 -8.18 26.49
C ILE D 207 -9.86 -7.78 27.81
N PHE D 208 -9.12 -6.68 27.81
CA PHE D 208 -8.40 -6.24 29.00
C PHE D 208 -9.37 -5.77 30.09
N GLU D 209 -10.48 -5.15 29.66
CA GLU D 209 -11.53 -4.69 30.61
C GLU D 209 -12.20 -5.88 31.26
N TYR D 210 -12.25 -6.98 30.53
CA TYR D 210 -12.83 -8.21 31.04
C TYR D 210 -11.88 -8.83 32.07
N VAL D 211 -10.60 -8.90 31.73
CA VAL D 211 -9.59 -9.48 32.62
C VAL D 211 -9.49 -8.69 33.94
N LYS D 212 -9.64 -7.36 33.87
CA LYS D 212 -9.61 -6.53 35.09
C LYS D 212 -10.59 -7.06 36.12
N GLU D 213 -11.84 -7.20 35.69
CA GLU D 213 -12.94 -7.58 36.58
C GLU D 213 -13.19 -9.06 36.72
N ASN D 214 -12.23 -9.92 36.36
CA ASN D 214 -12.49 -11.36 36.42
C ASN D 214 -11.32 -12.31 36.65
N LEU D 215 -10.08 -11.84 36.61
CA LEU D 215 -8.94 -12.76 36.74
C LEU D 215 -7.85 -12.43 37.77
N ASP D 216 -6.94 -13.39 37.91
CA ASP D 216 -5.80 -13.36 38.83
C ASP D 216 -4.84 -12.17 38.62
N GLU D 217 -4.30 -11.66 39.74
CA GLU D 217 -3.36 -10.54 39.75
C GLU D 217 -2.16 -10.76 38.84
N THR D 218 -1.65 -11.99 38.81
CA THR D 218 -0.51 -12.33 37.95
C THR D 218 -0.84 -12.06 36.48
N MET D 219 -2.07 -12.41 36.08
CA MET D 219 -2.53 -12.23 34.69
C MET D 219 -2.66 -10.75 34.31
N ILE D 220 -3.29 -9.95 35.17
CA ILE D 220 -3.49 -8.51 34.90
C ILE D 220 -2.14 -7.78 34.71
N ASP D 221 -1.12 -8.18 35.46
CA ASP D 221 0.22 -7.59 35.31
C ASP D 221 0.87 -8.08 34.03
N LYS D 222 0.57 -9.32 33.65
CA LYS D 222 1.07 -9.87 32.39
C LYS D 222 0.46 -9.04 31.25
N PHE D 223 -0.82 -8.69 31.40
CA PHE D 223 -1.52 -7.81 30.43
C PHE D 223 -0.96 -6.39 30.43
N LYS D 224 -0.94 -5.75 31.61
CA LYS D 224 -0.44 -4.37 31.73
C LYS D 224 0.90 -4.21 31.06
N GLN D 225 1.84 -5.10 31.38
CA GLN D 225 3.18 -5.01 30.81
C GLN D 225 3.18 -5.41 29.33
N TYR D 226 2.26 -6.28 28.92
CA TYR D 226 2.17 -6.67 27.50
C TYR D 226 1.86 -5.41 26.70
N ARG D 227 0.88 -4.63 27.18
CA ARG D 227 0.51 -3.36 26.57
C ARG D 227 1.67 -2.37 26.56
N GLN D 228 2.30 -2.19 27.72
CA GLN D 228 3.45 -1.29 27.85
C GLN D 228 4.56 -1.66 26.91
N LYS D 229 4.80 -2.97 26.78
CA LYS D 229 5.85 -3.48 25.93
C LYS D 229 5.49 -3.46 24.42
N TYR D 230 4.30 -3.96 24.09
CA TYR D 230 3.91 -4.14 22.68
C TYR D 230 2.67 -3.39 22.20
N GLY D 231 1.91 -2.79 23.12
CA GLY D 231 0.67 -2.09 22.76
C GLY D 231 0.85 -0.98 21.76
N SER D 232 -0.15 -0.80 20.90
CA SER D 232 -0.14 0.27 19.91
C SER D 232 -1.11 1.33 20.40
C1 EDO E . -24.04 -16.00 -18.19
O1 EDO E . -23.26 -16.34 -17.06
C2 EDO E . -25.10 -17.02 -18.46
O2 EDO E . -26.30 -16.40 -18.90
C TRS F . -29.11 -10.81 -10.55
C1 TRS F . -30.36 -10.11 -10.00
C2 TRS F . -27.86 -10.18 -9.94
C3 TRS F . -29.11 -10.67 -12.07
N TRS F . -29.10 -12.24 -10.21
O1 TRS F . -31.47 -10.94 -10.00
O2 TRS F . -28.08 -9.83 -8.59
O3 TRS F . -28.14 -11.50 -12.64
#